data_1N78
#
_entry.id   1N78
#
_cell.length_a   110.492
_cell.length_b   219.870
_cell.length_c   135.119
_cell.angle_alpha   90.00
_cell.angle_beta   90.00
_cell.angle_gamma   90.00
#
_symmetry.space_group_name_H-M   'C 2 2 21'
#
loop_
_entity.id
_entity.type
_entity.pdbx_description
1 polymer tRNA(Glu)
2 polymer 'Glutamyl-tRNA synthetase'
3 non-polymer 'MAGNESIUM ION'
4 non-polymer GLUTAMOL-AMP
5 water water
#
loop_
_entity_poly.entity_id
_entity_poly.type
_entity_poly.pdbx_seq_one_letter_code
_entity_poly.pdbx_strand_id
1 'polyribonucleotide' GGCCCCAUCGUCUAGCGGUUAGGACGCGGCCCUCUCAAGGCCGAAACGGGGGUUCGAUUCCCCCUGGGGUCACCA C,D
2 'polypeptide(L)'
;MVVTRIAPSPTGDPHVGTAYIALFNYAWARRNGGRFIVRIEDTDRARYVPGAEERILAALKWLGLSYDEGPDVGGPHGPY
RQSERLPLYQKYAEELLKRGWAYRAFETPEELEQIRKEKGGYDGRARNIPPEEAEERARRGEPHVIRLKVPRPGTTEVKD
ELRGVVVYDNQEIPDVVLLKSDGYPTYHLANVVDDHLMGVTDVIRAEEWLVSTPIHVLLYRAFGWEAPRFYHMPLLRNPD
KTKISKRKSHTSLDWYKAEGFLPEALRNYLCLMGFSMPDGREIFTLEEFIQAFTWERVSLGGPVFDLEKLRWMNGKYIRE
VLSLEEVAERVKPFLREAGLSWESEAYLRRAVELMRPRFDTLKEFPEKARYLFTEDYPVSEKAQRKLEEGLPLLKELYPR
LRAQEEWTEAALEALLRGFAAEKGVKLGQVAQPLRAALTGSLETPGLFEILALLGKERALRRLERALA
;
A,B
#
loop_
_chem_comp.id
_chem_comp.type
_chem_comp.name
_chem_comp.formula
A RNA linking ADENOSINE-5'-MONOPHOSPHATE 'C10 H14 N5 O7 P'
C RNA linking CYTIDINE-5'-MONOPHOSPHATE 'C9 H14 N3 O8 P'
G RNA linking GUANOSINE-5'-MONOPHOSPHATE 'C10 H14 N5 O8 P'
GOM RNA linking GLUTAMOL-AMP 'C15 H22 N6 O9 P -1'
MG non-polymer 'MAGNESIUM ION' 'Mg 2'
U RNA linking URIDINE-5'-MONOPHOSPHATE 'C9 H13 N2 O9 P'
#
# COMPACT_ATOMS: atom_id res chain seq x y z
N MET C 1 -44.29 40.23 -24.56
CA MET C 1 -44.00 39.08 -25.47
C MET C 1 -44.01 37.74 -24.74
N VAL C 2 -43.21 36.79 -25.21
CA VAL C 2 -43.13 35.48 -24.60
C VAL C 2 -41.70 35.15 -24.22
N VAL C 3 -41.48 34.92 -22.93
CA VAL C 3 -40.15 34.57 -22.42
C VAL C 3 -40.22 33.23 -21.67
N THR C 4 -39.51 32.22 -22.17
CA THR C 4 -39.47 30.92 -21.53
C THR C 4 -38.06 30.60 -21.02
N ARG C 5 -37.94 29.54 -20.23
CA ARG C 5 -36.63 29.13 -19.75
C ARG C 5 -36.56 27.66 -19.40
N ILE C 6 -35.34 27.19 -19.24
CA ILE C 6 -35.03 25.83 -18.82
C ILE C 6 -34.13 26.11 -17.62
N ALA C 7 -34.41 25.47 -16.49
CA ALA C 7 -33.64 25.73 -15.28
C ALA C 7 -33.07 24.45 -14.70
N PRO C 8 -32.05 23.91 -15.36
CA PRO C 8 -31.38 22.68 -14.94
C PRO C 8 -30.65 22.83 -13.61
N SER C 9 -30.58 21.75 -12.86
CA SER C 9 -29.85 21.74 -11.59
C SER C 9 -28.63 20.88 -11.86
N PRO C 10 -27.41 21.45 -11.72
CA PRO C 10 -26.17 20.71 -11.97
C PRO C 10 -25.89 19.74 -10.82
N THR C 11 -26.55 18.59 -10.83
CA THR C 11 -26.39 17.62 -9.75
C THR C 11 -26.17 16.20 -10.25
N GLY C 12 -25.71 16.06 -11.49
CA GLY C 12 -25.48 14.74 -12.06
C GLY C 12 -25.38 14.84 -13.57
N ASP C 13 -25.48 13.72 -14.26
CA ASP C 13 -25.39 13.72 -15.72
C ASP C 13 -26.48 14.56 -16.39
N PRO C 14 -26.20 15.05 -17.63
CA PRO C 14 -27.15 15.86 -18.38
C PRO C 14 -28.35 14.94 -18.55
N HIS C 15 -29.51 15.37 -18.08
CA HIS C 15 -30.72 14.54 -18.07
C HIS C 15 -31.66 14.67 -19.27
N VAL C 16 -32.10 13.52 -19.79
CA VAL C 16 -33.00 13.50 -20.94
C VAL C 16 -34.29 14.26 -20.63
N GLY C 17 -34.73 14.23 -19.38
CA GLY C 17 -35.94 14.93 -19.00
C GLY C 17 -35.75 16.43 -19.14
N THR C 18 -34.50 16.87 -18.97
CA THR C 18 -34.17 18.27 -19.10
C THR C 18 -34.20 18.65 -20.57
N ALA C 19 -33.70 17.75 -21.42
CA ALA C 19 -33.68 18.00 -22.87
C ALA C 19 -35.12 18.09 -23.37
N TYR C 20 -35.94 17.13 -22.95
CA TYR C 20 -37.35 17.08 -23.33
C TYR C 20 -38.03 18.40 -23.04
N ILE C 21 -37.94 18.85 -21.79
CA ILE C 21 -38.56 20.10 -21.38
C ILE C 21 -37.97 21.30 -22.13
N ALA C 22 -36.64 21.36 -22.23
CA ALA C 22 -35.99 22.48 -22.92
C ALA C 22 -36.56 22.60 -24.32
N LEU C 23 -36.72 21.46 -24.98
CA LEU C 23 -37.25 21.38 -26.33
C LEU C 23 -38.60 22.09 -26.51
N PHE C 24 -39.53 21.88 -25.59
CA PHE C 24 -40.82 22.55 -25.72
C PHE C 24 -40.75 24.03 -25.32
N ASN C 25 -39.81 24.38 -24.46
CA ASN C 25 -39.68 25.79 -24.08
C ASN C 25 -39.10 26.54 -25.27
N TYR C 26 -38.18 25.88 -25.96
CA TYR C 26 -37.53 26.45 -27.13
C TYR C 26 -38.56 26.68 -28.25
N ALA C 27 -39.40 25.69 -28.51
CA ALA C 27 -40.41 25.82 -29.56
C ALA C 27 -41.43 26.90 -29.24
N TRP C 28 -41.93 26.92 -28.01
CA TRP C 28 -42.93 27.91 -27.62
C TRP C 28 -42.37 29.31 -27.74
N ALA C 29 -41.14 29.50 -27.29
CA ALA C 29 -40.50 30.80 -27.39
C ALA C 29 -40.36 31.19 -28.87
N ARG C 30 -39.72 30.35 -29.67
CA ARG C 30 -39.54 30.65 -31.09
C ARG C 30 -40.86 30.80 -31.83
N ARG C 31 -41.78 29.87 -31.59
CA ARG C 31 -43.09 29.94 -32.24
C ARG C 31 -43.71 31.32 -32.08
N ASN C 32 -43.50 31.95 -30.92
CA ASN C 32 -44.06 33.27 -30.64
C ASN C 32 -43.05 34.39 -30.85
N GLY C 33 -41.92 34.09 -31.47
CA GLY C 33 -40.91 35.11 -31.65
C GLY C 33 -40.57 35.69 -30.29
N GLY C 34 -40.28 34.82 -29.33
CA GLY C 34 -39.95 35.28 -27.99
C GLY C 34 -38.51 34.98 -27.59
N ARG C 35 -38.29 34.85 -26.29
CA ARG C 35 -36.94 34.56 -25.77
C ARG C 35 -36.89 33.28 -24.94
N PHE C 36 -35.86 32.47 -25.21
CA PHE C 36 -35.63 31.21 -24.49
C PHE C 36 -34.38 31.35 -23.60
N ILE C 37 -34.57 31.28 -22.29
CA ILE C 37 -33.48 31.47 -21.32
C ILE C 37 -32.99 30.21 -20.62
N VAL C 38 -31.71 30.19 -20.27
CA VAL C 38 -31.13 29.10 -19.50
C VAL C 38 -30.72 29.72 -18.16
N ARG C 39 -31.16 29.13 -17.06
CA ARG C 39 -30.78 29.61 -15.74
C ARG C 39 -30.28 28.39 -14.96
N ILE C 40 -29.03 28.42 -14.52
CA ILE C 40 -28.49 27.28 -13.76
C ILE C 40 -28.95 27.38 -12.32
N GLU C 41 -29.67 26.36 -11.89
CA GLU C 41 -30.24 26.33 -10.55
C GLU C 41 -29.37 25.51 -9.59
N ASP C 42 -28.23 26.08 -9.22
CA ASP C 42 -27.27 25.44 -8.32
C ASP C 42 -27.37 25.99 -6.89
N THR C 43 -28.47 25.69 -6.21
CA THR C 43 -28.71 26.18 -4.85
C THR C 43 -28.45 25.15 -3.74
N ASP C 44 -28.36 23.89 -4.12
CA ASP C 44 -28.12 22.81 -3.16
C ASP C 44 -26.64 22.45 -3.17
N ARG C 45 -25.86 23.12 -2.33
CA ARG C 45 -24.43 22.87 -2.30
C ARG C 45 -24.04 21.44 -1.99
N ALA C 46 -24.94 20.71 -1.34
CA ALA C 46 -24.67 19.33 -0.98
C ALA C 46 -24.74 18.37 -2.17
N ARG C 47 -25.68 18.61 -3.07
CA ARG C 47 -25.83 17.74 -4.24
C ARG C 47 -25.12 18.28 -5.46
N TYR C 48 -24.58 19.49 -5.36
CA TYR C 48 -23.89 20.09 -6.49
C TYR C 48 -22.72 19.27 -6.99
N VAL C 49 -22.73 18.99 -8.28
CA VAL C 49 -21.67 18.22 -8.92
C VAL C 49 -20.85 19.10 -9.85
N PRO C 50 -19.58 19.35 -9.50
CA PRO C 50 -18.72 20.19 -10.36
C PRO C 50 -18.58 19.58 -11.76
N GLY C 51 -18.72 20.43 -12.78
CA GLY C 51 -18.62 19.95 -14.15
C GLY C 51 -19.98 19.60 -14.73
N ALA C 52 -21.00 19.52 -13.89
CA ALA C 52 -22.35 19.20 -14.36
C ALA C 52 -22.94 20.34 -15.21
N GLU C 53 -22.66 21.58 -14.84
CA GLU C 53 -23.18 22.72 -15.59
C GLU C 53 -22.75 22.70 -17.06
N GLU C 54 -21.46 22.55 -17.32
CA GLU C 54 -20.96 22.53 -18.69
C GLU C 54 -21.61 21.41 -19.48
N ARG C 55 -21.74 20.26 -18.83
CA ARG C 55 -22.31 19.12 -19.49
C ARG C 55 -23.74 19.33 -19.97
N ILE C 56 -24.63 19.88 -19.14
CA ILE C 56 -25.99 20.09 -19.60
C ILE C 56 -26.00 21.19 -20.67
N LEU C 57 -25.20 22.24 -20.49
CA LEU C 57 -25.13 23.30 -21.48
C LEU C 57 -24.62 22.79 -22.81
N ALA C 58 -23.65 21.88 -22.78
CA ALA C 58 -23.09 21.33 -24.02
C ALA C 58 -24.12 20.41 -24.68
N ALA C 59 -24.81 19.62 -23.87
CA ALA C 59 -25.83 18.69 -24.36
C ALA C 59 -27.02 19.39 -25.02
N LEU C 60 -27.45 20.53 -24.47
CA LEU C 60 -28.57 21.26 -25.05
C LEU C 60 -28.18 21.76 -26.44
N LYS C 61 -26.93 22.20 -26.58
CA LYS C 61 -26.44 22.69 -27.87
C LYS C 61 -26.25 21.51 -28.83
N TRP C 62 -25.78 20.39 -28.30
CA TRP C 62 -25.58 19.18 -29.09
C TRP C 62 -26.92 18.74 -29.70
N LEU C 63 -27.98 18.81 -28.90
CA LEU C 63 -29.32 18.41 -29.36
C LEU C 63 -29.85 19.34 -30.44
N GLY C 64 -29.24 20.52 -30.55
CA GLY C 64 -29.67 21.46 -31.57
C GLY C 64 -30.38 22.70 -31.05
N LEU C 65 -30.52 22.82 -29.73
CA LEU C 65 -31.20 23.97 -29.18
C LEU C 65 -30.24 25.13 -29.03
N SER C 66 -30.78 26.34 -29.05
CA SER C 66 -30.00 27.55 -28.90
C SER C 66 -30.78 28.36 -27.88
N TYR C 67 -30.07 29.07 -27.01
CA TYR C 67 -30.77 29.91 -26.05
C TYR C 67 -30.29 31.34 -26.24
N ASP C 68 -31.19 32.28 -25.97
CA ASP C 68 -30.92 33.70 -26.15
C ASP C 68 -30.18 34.37 -24.98
N GLU C 69 -30.36 33.84 -23.78
CA GLU C 69 -29.68 34.36 -22.59
C GLU C 69 -29.27 33.17 -21.73
N GLY C 70 -28.15 33.31 -21.03
CA GLY C 70 -27.68 32.23 -20.19
C GLY C 70 -26.26 32.44 -19.69
N PRO C 71 -25.72 31.47 -18.95
CA PRO C 71 -24.35 31.49 -18.37
C PRO C 71 -23.24 31.82 -19.36
N ASP C 72 -23.32 31.26 -20.56
CA ASP C 72 -22.29 31.47 -21.56
C ASP C 72 -22.68 32.24 -22.81
N VAL C 73 -23.84 32.92 -22.79
CA VAL C 73 -24.23 33.69 -23.96
C VAL C 73 -24.60 35.12 -23.59
N GLY C 74 -24.41 35.45 -22.32
CA GLY C 74 -24.73 36.79 -21.84
C GLY C 74 -26.21 36.96 -21.59
N GLY C 75 -26.64 38.20 -21.47
CA GLY C 75 -28.04 38.51 -21.23
C GLY C 75 -28.05 39.69 -20.30
N PRO C 76 -29.10 40.51 -20.32
CA PRO C 76 -29.25 41.71 -19.48
C PRO C 76 -29.69 41.46 -18.04
N HIS C 77 -30.03 40.22 -17.70
CA HIS C 77 -30.51 39.92 -16.36
C HIS C 77 -29.71 38.87 -15.62
N GLY C 78 -28.39 38.86 -15.87
CA GLY C 78 -27.52 37.90 -15.21
C GLY C 78 -27.17 38.34 -13.80
N PRO C 79 -26.43 37.52 -13.04
CA PRO C 79 -25.88 36.22 -13.43
C PRO C 79 -27.00 35.23 -13.76
N TYR C 80 -26.68 34.19 -14.53
CA TYR C 80 -27.69 33.19 -14.88
C TYR C 80 -27.41 31.90 -14.15
N ARG C 81 -26.69 32.04 -13.05
CA ARG C 81 -26.31 30.95 -12.16
C ARG C 81 -26.82 31.45 -10.82
N GLN C 82 -27.71 30.70 -10.18
CA GLN C 82 -28.26 31.15 -8.90
C GLN C 82 -27.25 31.27 -7.75
N SER C 83 -26.18 30.48 -7.77
CA SER C 83 -25.18 30.55 -6.71
C SER C 83 -24.59 31.95 -6.63
N GLU C 84 -24.63 32.67 -7.75
CA GLU C 84 -24.10 34.02 -7.81
C GLU C 84 -25.17 35.07 -7.55
N ARG C 85 -26.36 34.63 -7.16
CA ARG C 85 -27.46 35.56 -6.90
C ARG C 85 -27.89 35.63 -5.43
N LEU C 86 -27.14 34.97 -4.56
CA LEU C 86 -27.47 34.92 -3.14
C LEU C 86 -27.93 36.20 -2.43
N PRO C 87 -27.22 37.32 -2.61
CA PRO C 87 -27.66 38.56 -1.94
C PRO C 87 -29.06 38.97 -2.36
N LEU C 88 -29.42 38.62 -3.59
CA LEU C 88 -30.72 38.94 -4.13
C LEU C 88 -31.83 38.23 -3.35
N TYR C 89 -31.72 36.91 -3.21
CA TYR C 89 -32.73 36.15 -2.49
C TYR C 89 -32.83 36.62 -1.03
N GLN C 90 -31.67 36.92 -0.45
CA GLN C 90 -31.58 37.42 0.93
C GLN C 90 -32.49 38.63 1.07
N LYS C 91 -32.26 39.59 0.18
CA LYS C 91 -33.02 40.84 0.13
C LYS C 91 -34.53 40.57 0.04
N TYR C 92 -34.94 39.71 -0.88
CA TYR C 92 -36.35 39.42 -1.04
C TYR C 92 -36.94 38.64 0.14
N ALA C 93 -36.15 37.77 0.74
CA ALA C 93 -36.65 37.01 1.89
C ALA C 93 -36.95 38.00 3.03
N GLU C 94 -36.03 38.96 3.23
CA GLU C 94 -36.20 39.97 4.26
C GLU C 94 -37.40 40.86 3.96
N GLU C 95 -37.67 41.08 2.67
CA GLU C 95 -38.81 41.90 2.30
C GLU C 95 -40.10 41.21 2.72
N LEU C 96 -40.15 39.90 2.55
CA LEU C 96 -41.33 39.11 2.93
C LEU C 96 -41.52 39.17 4.44
N LEU C 97 -40.39 39.14 5.14
CA LEU C 97 -40.35 39.22 6.61
C LEU C 97 -41.05 40.51 7.03
N LYS C 98 -40.63 41.61 6.43
CA LYS C 98 -41.15 42.93 6.71
C LYS C 98 -42.62 43.07 6.36
N ARG C 99 -43.04 42.39 5.30
CA ARG C 99 -44.42 42.46 4.86
C ARG C 99 -45.28 41.50 5.67
N GLY C 100 -44.62 40.75 6.54
CA GLY C 100 -45.36 39.80 7.35
C GLY C 100 -45.89 38.66 6.51
N TRP C 101 -45.12 38.27 5.49
CA TRP C 101 -45.50 37.16 4.63
C TRP C 101 -44.58 35.97 4.88
N ALA C 102 -43.72 36.09 5.87
CA ALA C 102 -42.77 35.04 6.24
C ALA C 102 -42.29 35.28 7.66
N TYR C 103 -41.63 34.28 8.23
CA TYR C 103 -41.11 34.38 9.59
C TYR C 103 -39.85 33.55 9.76
N ARG C 104 -39.08 33.86 10.80
CA ARG C 104 -37.85 33.12 11.10
C ARG C 104 -38.19 31.97 12.02
N ALA C 105 -37.67 30.79 11.71
CA ALA C 105 -37.88 29.60 12.52
C ALA C 105 -36.48 29.10 12.92
N PHE C 106 -36.29 28.79 14.20
CA PHE C 106 -34.97 28.38 14.68
C PHE C 106 -34.83 26.94 15.11
N GLU C 107 -35.75 26.07 14.70
CA GLU C 107 -35.64 24.67 15.10
C GLU C 107 -34.45 23.98 14.43
N THR C 108 -33.80 23.11 15.19
CA THR C 108 -32.68 22.36 14.66
C THR C 108 -33.29 21.26 13.78
N PRO C 109 -32.51 20.72 12.85
CA PRO C 109 -33.06 19.67 11.99
C PRO C 109 -33.59 18.52 12.85
N GLU C 110 -32.90 18.23 13.93
CA GLU C 110 -33.33 17.15 14.82
C GLU C 110 -34.71 17.44 15.38
N GLU C 111 -34.99 18.67 15.75
CA GLU C 111 -36.31 18.99 16.29
C GLU C 111 -37.37 18.87 15.21
N LEU C 112 -37.08 19.42 14.03
CA LEU C 112 -38.05 19.37 12.93
C LEU C 112 -38.41 17.92 12.62
N GLU C 113 -37.44 17.02 12.74
CA GLU C 113 -37.67 15.61 12.48
C GLU C 113 -38.68 15.06 13.47
N GLN C 114 -38.50 15.44 14.73
CA GLN C 114 -39.37 15.02 15.81
C GLN C 114 -40.77 15.57 15.58
N ILE C 115 -40.85 16.84 15.22
CA ILE C 115 -42.12 17.50 14.94
C ILE C 115 -42.82 16.73 13.83
N ARG C 116 -42.05 16.39 12.80
CA ARG C 116 -42.56 15.66 11.63
C ARG C 116 -43.07 14.28 12.08
N LYS C 117 -42.34 13.64 12.98
CA LYS C 117 -42.73 12.32 13.49
C LYS C 117 -43.99 12.38 14.34
N GLU C 118 -44.14 13.46 15.11
CA GLU C 118 -45.29 13.62 15.99
C GLU C 118 -46.54 14.15 15.32
N LYS C 119 -46.37 15.20 14.53
CA LYS C 119 -47.50 15.84 13.86
C LYS C 119 -47.47 15.75 12.34
N GLY C 120 -46.37 15.23 11.79
CA GLY C 120 -46.25 15.14 10.34
C GLY C 120 -46.11 16.54 9.79
N GLY C 121 -44.99 16.82 9.11
CA GLY C 121 -44.80 18.15 8.56
C GLY C 121 -44.46 19.12 9.67
N TYR C 122 -44.39 20.41 9.36
CA TYR C 122 -44.08 21.43 10.36
C TYR C 122 -45.39 22.09 10.80
N ASP C 123 -45.55 22.31 12.10
CA ASP C 123 -46.78 22.92 12.61
C ASP C 123 -46.77 24.44 12.66
N GLY C 124 -45.72 25.05 12.13
CA GLY C 124 -45.63 26.50 12.12
C GLY C 124 -45.58 27.15 13.49
N ARG C 125 -45.06 26.40 14.47
CA ARG C 125 -44.94 26.88 15.84
C ARG C 125 -44.14 28.18 15.97
N ALA C 126 -43.11 28.34 15.12
CA ALA C 126 -42.28 29.55 15.16
C ALA C 126 -43.01 30.85 14.84
N ARG C 127 -44.24 30.75 14.35
CA ARG C 127 -45.01 31.94 14.03
C ARG C 127 -45.38 32.67 15.34
N ASN C 128 -45.30 31.94 16.45
CA ASN C 128 -45.61 32.52 17.75
C ASN C 128 -44.46 33.23 18.44
N ILE C 129 -43.33 33.33 17.75
CA ILE C 129 -42.18 34.02 18.30
C ILE C 129 -42.34 35.52 18.01
N PRO C 130 -42.24 36.37 19.05
CA PRO C 130 -42.38 37.82 18.86
C PRO C 130 -41.42 38.27 17.77
N PRO C 131 -41.91 39.06 16.79
CA PRO C 131 -41.04 39.53 15.70
C PRO C 131 -39.73 40.16 16.16
N GLU C 132 -39.79 40.96 17.22
CA GLU C 132 -38.59 41.60 17.71
C GLU C 132 -37.64 40.59 18.33
N GLU C 133 -38.19 39.57 18.97
CA GLU C 133 -37.36 38.53 19.58
C GLU C 133 -36.65 37.77 18.47
N ALA C 134 -37.38 37.45 17.42
CA ALA C 134 -36.84 36.71 16.28
C ALA C 134 -35.68 37.48 15.66
N GLU C 135 -35.87 38.79 15.47
CA GLU C 135 -34.83 39.65 14.90
C GLU C 135 -33.60 39.75 15.79
N GLU C 136 -33.83 39.79 17.10
CA GLU C 136 -32.73 39.87 18.04
C GLU C 136 -31.94 38.57 18.02
N ARG C 137 -32.65 37.45 18.07
CA ARG C 137 -31.99 36.16 18.05
C ARG C 137 -31.23 35.98 16.73
N ALA C 138 -31.72 36.65 15.69
CA ALA C 138 -31.08 36.58 14.38
C ALA C 138 -29.78 37.38 14.40
N ARG C 139 -29.83 38.56 15.01
CA ARG C 139 -28.63 39.39 15.08
C ARG C 139 -27.56 38.74 15.94
N ARG C 140 -27.98 38.03 16.99
CA ARG C 140 -27.03 37.33 17.84
C ARG C 140 -26.33 36.28 17.01
N GLY C 141 -26.90 35.98 15.85
CA GLY C 141 -26.32 35.00 14.96
C GLY C 141 -26.89 33.61 15.12
N GLU C 142 -28.00 33.49 15.85
CA GLU C 142 -28.59 32.17 16.03
C GLU C 142 -29.02 31.60 14.68
N PRO C 143 -28.52 30.41 14.33
CA PRO C 143 -28.90 29.82 13.04
C PRO C 143 -30.41 29.64 12.92
N HIS C 144 -30.91 29.82 11.71
CA HIS C 144 -32.35 29.69 11.46
C HIS C 144 -32.63 29.70 9.97
N VAL C 145 -33.89 29.51 9.62
CA VAL C 145 -34.34 29.54 8.24
C VAL C 145 -35.47 30.55 8.22
N ILE C 146 -35.90 30.93 7.03
CA ILE C 146 -37.02 31.84 6.89
C ILE C 146 -38.06 31.01 6.15
N ARG C 147 -39.28 31.00 6.67
CA ARG C 147 -40.36 30.22 6.09
C ARG C 147 -41.49 31.10 5.56
N LEU C 148 -42.19 30.57 4.56
CA LEU C 148 -43.32 31.25 3.98
C LEU C 148 -44.45 31.19 5.02
N LYS C 149 -45.09 32.33 5.26
CA LYS C 149 -46.20 32.38 6.20
C LYS C 149 -47.50 32.25 5.41
N VAL C 150 -47.98 31.02 5.25
CA VAL C 150 -49.20 30.77 4.49
C VAL C 150 -50.45 31.34 5.15
N PRO C 151 -51.26 32.08 4.38
CA PRO C 151 -52.49 32.67 4.91
C PRO C 151 -53.41 31.55 5.38
N ARG C 152 -53.60 31.44 6.69
CA ARG C 152 -54.45 30.40 7.24
C ARG C 152 -55.64 30.99 8.02
N PRO C 153 -56.86 30.47 7.77
CA PRO C 153 -57.14 29.40 6.82
C PRO C 153 -57.28 30.04 5.45
N GLY C 154 -57.41 29.21 4.42
CA GLY C 154 -57.56 29.77 3.09
C GLY C 154 -57.57 28.77 1.96
N THR C 155 -57.66 29.28 0.74
CA THR C 155 -57.68 28.44 -0.43
C THR C 155 -56.79 29.13 -1.47
N THR C 156 -56.18 28.37 -2.37
CA THR C 156 -55.28 28.94 -3.37
C THR C 156 -55.52 28.36 -4.75
N GLU C 157 -55.82 29.23 -5.70
CA GLU C 157 -56.08 28.79 -7.06
C GLU C 157 -54.86 28.83 -7.98
N VAL C 158 -54.61 27.70 -8.62
CA VAL C 158 -53.52 27.58 -9.56
C VAL C 158 -54.16 27.34 -10.92
N LYS C 159 -53.62 27.97 -11.95
CA LYS C 159 -54.16 27.81 -13.27
C LYS C 159 -53.14 27.17 -14.19
N ASP C 160 -53.41 25.94 -14.59
CA ASP C 160 -52.52 25.25 -15.51
C ASP C 160 -53.18 25.41 -16.86
N GLU C 161 -52.43 25.91 -17.84
CA GLU C 161 -52.97 26.13 -19.18
C GLU C 161 -53.45 24.87 -19.88
N LEU C 162 -52.94 23.71 -19.47
CA LEU C 162 -53.31 22.46 -20.12
C LEU C 162 -54.37 21.63 -19.43
N ARG C 163 -54.58 21.87 -18.12
CA ARG C 163 -55.55 21.08 -17.36
C ARG C 163 -56.63 21.94 -16.75
N GLY C 164 -56.50 23.25 -16.88
CA GLY C 164 -57.49 24.14 -16.32
C GLY C 164 -57.12 24.59 -14.92
N VAL C 165 -58.12 25.02 -14.15
CA VAL C 165 -57.89 25.51 -12.81
C VAL C 165 -57.92 24.40 -11.77
N VAL C 166 -57.01 24.50 -10.81
CA VAL C 166 -56.94 23.54 -9.71
C VAL C 166 -56.90 24.37 -8.44
N VAL C 167 -57.85 24.12 -7.53
CA VAL C 167 -57.94 24.87 -6.30
C VAL C 167 -57.45 24.11 -5.07
N TYR C 168 -56.33 24.56 -4.52
CA TYR C 168 -55.75 23.93 -3.34
C TYR C 168 -56.28 24.57 -2.06
N ASP C 169 -56.37 23.77 -1.01
CA ASP C 169 -56.80 24.29 0.29
C ASP C 169 -55.47 24.56 1.00
N ASN C 170 -55.31 25.78 1.51
CA ASN C 170 -54.08 26.14 2.16
C ASN C 170 -53.58 25.14 3.21
N GLN C 171 -54.47 24.36 3.79
CA GLN C 171 -54.02 23.38 4.77
C GLN C 171 -53.14 22.34 4.09
N GLU C 172 -53.18 22.31 2.76
CA GLU C 172 -52.37 21.37 1.98
C GLU C 172 -51.03 22.03 1.64
N ILE C 173 -50.94 23.34 1.88
CA ILE C 173 -49.74 24.12 1.57
C ILE C 173 -48.92 24.43 2.81
N PRO C 174 -47.75 23.81 2.95
CA PRO C 174 -46.92 24.05 4.12
C PRO C 174 -46.20 25.40 4.13
N ASP C 175 -45.78 25.80 5.33
CA ASP C 175 -45.04 27.04 5.51
C ASP C 175 -43.61 26.68 5.13
N VAL C 176 -43.39 26.42 3.84
CA VAL C 176 -42.09 26.00 3.33
C VAL C 176 -40.96 26.97 3.62
N VAL C 177 -39.77 26.42 3.83
CA VAL C 177 -38.63 27.30 4.09
C VAL C 177 -38.31 28.03 2.78
N LEU C 178 -38.01 29.32 2.88
CA LEU C 178 -37.68 30.13 1.71
C LEU C 178 -36.16 30.39 1.66
N LEU C 179 -35.55 30.55 2.82
CA LEU C 179 -34.11 30.77 2.92
C LEU C 179 -33.52 29.83 3.96
N LYS C 180 -32.60 28.96 3.53
CA LYS C 180 -31.95 27.99 4.42
C LYS C 180 -30.99 28.67 5.40
N SER C 181 -30.65 27.97 6.48
CA SER C 181 -29.75 28.53 7.49
C SER C 181 -28.32 28.77 6.99
N ASP C 182 -27.99 28.28 5.80
CA ASP C 182 -26.65 28.53 5.26
C ASP C 182 -26.72 29.77 4.37
N GLY C 183 -27.85 30.46 4.41
CA GLY C 183 -28.01 31.67 3.62
C GLY C 183 -28.40 31.41 2.17
N TYR C 184 -28.50 30.14 1.81
CA TYR C 184 -28.89 29.77 0.47
C TYR C 184 -30.40 29.71 0.38
N PRO C 185 -30.97 30.03 -0.78
CA PRO C 185 -32.43 29.97 -0.87
C PRO C 185 -32.85 28.56 -1.25
N THR C 186 -34.14 28.26 -1.13
CA THR C 186 -34.62 26.97 -1.56
C THR C 186 -35.11 27.20 -2.98
N TYR C 187 -35.41 26.12 -3.67
CA TYR C 187 -35.92 26.18 -5.03
C TYR C 187 -37.08 27.17 -5.16
N HIS C 188 -38.08 27.06 -4.29
CA HIS C 188 -39.27 27.92 -4.34
C HIS C 188 -38.99 29.43 -4.33
N LEU C 189 -38.18 29.90 -3.39
CA LEU C 189 -37.88 31.32 -3.32
C LEU C 189 -37.16 31.80 -4.58
N ALA C 190 -36.05 31.15 -4.91
CA ALA C 190 -35.23 31.55 -6.06
C ALA C 190 -35.96 31.47 -7.40
N ASN C 191 -36.86 30.51 -7.51
CA ASN C 191 -37.61 30.28 -8.74
C ASN C 191 -38.51 31.46 -9.09
N VAL C 192 -39.27 31.93 -8.11
CA VAL C 192 -40.18 33.06 -8.31
C VAL C 192 -39.43 34.38 -8.47
N VAL C 193 -38.38 34.58 -7.68
CA VAL C 193 -37.59 35.79 -7.78
C VAL C 193 -36.96 35.92 -9.17
N ASP C 194 -36.24 34.87 -9.57
CA ASP C 194 -35.58 34.86 -10.86
C ASP C 194 -36.50 34.84 -12.08
N ASP C 195 -37.61 34.12 -11.99
CA ASP C 195 -38.52 34.11 -13.11
C ASP C 195 -39.07 35.51 -13.31
N HIS C 196 -39.34 36.19 -12.21
CA HIS C 196 -39.88 37.53 -12.28
C HIS C 196 -38.85 38.56 -12.78
N LEU C 197 -37.64 38.52 -12.22
CA LEU C 197 -36.57 39.44 -12.59
C LEU C 197 -36.06 39.20 -14.00
N MET C 198 -36.22 37.98 -14.50
CA MET C 198 -35.76 37.66 -15.84
C MET C 198 -36.89 37.77 -16.86
N GLY C 199 -38.07 38.20 -16.39
CA GLY C 199 -39.20 38.38 -17.28
C GLY C 199 -39.91 37.15 -17.85
N VAL C 200 -39.81 35.99 -17.20
CA VAL C 200 -40.48 34.80 -17.74
C VAL C 200 -42.00 34.99 -17.68
N THR C 201 -42.65 34.70 -18.79
CA THR C 201 -44.09 34.87 -18.90
C THR C 201 -44.77 33.52 -19.06
N ASP C 202 -44.01 32.53 -19.48
CA ASP C 202 -44.55 31.18 -19.69
C ASP C 202 -43.67 30.12 -19.04
N VAL C 203 -44.14 29.57 -17.92
CA VAL C 203 -43.40 28.54 -17.21
C VAL C 203 -43.84 27.16 -17.68
N ILE C 204 -42.93 26.46 -18.34
CA ILE C 204 -43.17 25.13 -18.86
C ILE C 204 -42.16 24.20 -18.16
N ARG C 205 -42.68 23.27 -17.37
CA ARG C 205 -41.84 22.35 -16.63
C ARG C 205 -42.60 21.03 -16.48
N ALA C 206 -41.92 19.99 -16.01
CA ALA C 206 -42.57 18.69 -15.85
C ALA C 206 -43.62 18.70 -14.75
N GLU C 207 -44.59 17.82 -14.91
CA GLU C 207 -45.71 17.65 -13.99
C GLU C 207 -45.31 17.47 -12.53
N GLU C 208 -44.11 16.98 -12.28
CA GLU C 208 -43.67 16.76 -10.91
C GLU C 208 -43.71 18.06 -10.09
N TRP C 209 -43.81 19.21 -10.76
CA TRP C 209 -43.86 20.51 -10.08
C TRP C 209 -45.24 21.13 -9.93
N LEU C 210 -46.27 20.50 -10.49
CA LEU C 210 -47.61 21.04 -10.40
C LEU C 210 -48.04 21.36 -8.96
N VAL C 211 -47.92 20.38 -8.05
CA VAL C 211 -48.32 20.59 -6.66
C VAL C 211 -47.55 21.67 -5.93
N SER C 212 -46.35 22.02 -6.41
CA SER C 212 -45.63 23.08 -5.72
C SER C 212 -45.99 24.46 -6.29
N THR C 213 -46.71 24.48 -7.41
CA THR C 213 -47.11 25.75 -8.03
C THR C 213 -47.94 26.63 -7.09
N PRO C 214 -48.82 26.03 -6.26
CA PRO C 214 -49.58 26.93 -5.37
C PRO C 214 -48.66 27.73 -4.46
N ILE C 215 -47.52 27.16 -4.09
CA ILE C 215 -46.57 27.85 -3.23
C ILE C 215 -46.06 29.08 -3.99
N HIS C 216 -45.81 28.90 -5.27
CA HIS C 216 -45.33 29.97 -6.13
C HIS C 216 -46.38 31.04 -6.36
N VAL C 217 -47.64 30.64 -6.53
CA VAL C 217 -48.71 31.61 -6.73
C VAL C 217 -48.77 32.53 -5.51
N LEU C 218 -48.65 31.93 -4.32
CA LEU C 218 -48.66 32.69 -3.08
C LEU C 218 -47.45 33.64 -3.02
N LEU C 219 -46.28 33.18 -3.46
CA LEU C 219 -45.10 34.04 -3.44
C LEU C 219 -45.26 35.23 -4.37
N TYR C 220 -45.84 34.99 -5.54
CA TYR C 220 -46.07 36.07 -6.49
C TYR C 220 -47.00 37.11 -5.85
N ARG C 221 -48.01 36.63 -5.12
CA ARG C 221 -48.94 37.51 -4.41
C ARG C 221 -48.21 38.30 -3.33
N ALA C 222 -47.44 37.61 -2.50
CA ALA C 222 -46.67 38.24 -1.42
C ALA C 222 -45.80 39.40 -1.92
N PHE C 223 -45.14 39.21 -3.06
CA PHE C 223 -44.30 40.24 -3.62
C PHE C 223 -45.14 41.25 -4.41
N GLY C 224 -46.38 40.89 -4.67
CA GLY C 224 -47.26 41.75 -5.43
C GLY C 224 -46.90 41.75 -6.91
N TRP C 225 -46.48 40.60 -7.42
CA TRP C 225 -46.11 40.46 -8.82
C TRP C 225 -47.13 39.64 -9.59
N GLU C 226 -47.21 39.86 -10.90
CA GLU C 226 -48.14 39.15 -11.76
C GLU C 226 -47.57 37.76 -12.07
N ALA C 227 -48.35 36.72 -11.80
CA ALA C 227 -47.92 35.36 -12.05
C ALA C 227 -47.87 35.04 -13.55
N PRO C 228 -46.94 34.19 -13.98
CA PRO C 228 -46.84 33.85 -15.39
C PRO C 228 -47.78 32.69 -15.69
N ARG C 229 -47.87 32.30 -16.96
CA ARG C 229 -48.72 31.16 -17.31
C ARG C 229 -47.96 29.90 -16.93
N PHE C 230 -48.69 28.86 -16.57
CA PHE C 230 -48.09 27.59 -16.19
C PHE C 230 -48.53 26.47 -17.11
N TYR C 231 -47.56 25.70 -17.59
CA TYR C 231 -47.84 24.55 -18.46
C TYR C 231 -47.02 23.39 -17.93
N HIS C 232 -47.69 22.38 -17.37
CA HIS C 232 -46.97 21.24 -16.85
C HIS C 232 -47.01 20.06 -17.81
N MET C 233 -45.82 19.69 -18.28
CA MET C 233 -45.65 18.59 -19.22
C MET C 233 -45.59 17.26 -18.47
N PRO C 234 -45.90 16.16 -19.15
CA PRO C 234 -45.86 14.84 -18.50
C PRO C 234 -44.43 14.39 -18.21
N LEU C 235 -44.26 13.48 -17.26
CA LEU C 235 -42.94 12.95 -16.94
C LEU C 235 -42.57 11.77 -17.84
N LEU C 236 -41.34 11.77 -18.35
CA LEU C 236 -40.89 10.65 -19.15
C LEU C 236 -40.86 9.47 -18.16
N ARG C 237 -41.18 8.27 -18.64
CA ARG C 237 -41.23 7.10 -17.77
C ARG C 237 -40.30 5.94 -18.13
N ASN C 238 -39.97 5.15 -17.11
CA ASN C 238 -39.15 3.94 -17.25
C ASN C 238 -40.14 2.94 -17.85
N PRO C 239 -39.64 1.79 -18.31
CA PRO C 239 -40.57 0.80 -18.88
C PRO C 239 -41.70 0.41 -17.91
N ASP C 240 -41.41 0.41 -16.61
CA ASP C 240 -42.41 0.05 -15.60
C ASP C 240 -43.33 1.21 -15.26
N LYS C 241 -43.26 2.29 -16.04
CA LYS C 241 -44.11 3.46 -15.83
C LYS C 241 -43.75 4.41 -14.69
N THR C 242 -42.68 4.11 -13.96
CA THR C 242 -42.28 5.02 -12.89
C THR C 242 -41.51 6.13 -13.63
N LYS C 243 -41.45 7.34 -13.09
CA LYS C 243 -40.72 8.39 -13.82
C LYS C 243 -39.29 7.92 -14.11
N ILE C 244 -38.90 8.09 -15.36
CA ILE C 244 -37.60 7.66 -15.84
C ILE C 244 -36.48 7.89 -14.80
N SER C 245 -35.59 6.91 -14.66
CA SER C 245 -34.51 7.06 -13.69
C SER C 245 -33.26 6.28 -14.07
N LYS C 246 -32.12 6.76 -13.59
CA LYS C 246 -30.81 6.20 -13.87
C LYS C 246 -30.65 4.68 -13.77
N ARG C 247 -31.27 4.06 -12.77
CA ARG C 247 -31.13 2.62 -12.62
C ARG C 247 -32.01 1.72 -13.48
N LYS C 248 -33.13 2.25 -13.98
CA LYS C 248 -34.04 1.46 -14.81
C LYS C 248 -33.95 1.82 -16.28
N SER C 249 -33.43 3.01 -16.56
CA SER C 249 -33.30 3.51 -17.93
C SER C 249 -32.03 4.35 -18.09
N HIS C 250 -31.69 4.66 -19.34
CA HIS C 250 -30.56 5.51 -19.64
C HIS C 250 -31.10 6.94 -19.63
N THR C 251 -30.74 7.71 -18.62
CA THR C 251 -31.23 9.06 -18.54
C THR C 251 -30.16 10.08 -18.90
N SER C 252 -28.92 9.62 -19.05
CA SER C 252 -27.83 10.52 -19.40
C SER C 252 -27.73 10.81 -20.88
N LEU C 253 -27.78 12.09 -21.24
CA LEU C 253 -27.69 12.51 -22.63
C LEU C 253 -26.31 12.15 -23.18
N ASP C 254 -25.31 12.12 -22.31
CA ASP C 254 -23.97 11.78 -22.77
C ASP C 254 -23.88 10.31 -23.16
N TRP C 255 -24.74 9.49 -22.55
CA TRP C 255 -24.78 8.08 -22.88
C TRP C 255 -25.27 7.96 -24.32
N TYR C 256 -26.33 8.68 -24.66
CA TYR C 256 -26.86 8.65 -26.01
C TYR C 256 -25.82 9.08 -27.03
N LYS C 257 -25.11 10.16 -26.76
CA LYS C 257 -24.07 10.63 -27.68
C LYS C 257 -22.98 9.58 -27.81
N ALA C 258 -22.54 9.02 -26.68
CA ALA C 258 -21.49 8.01 -26.67
C ALA C 258 -21.91 6.73 -27.38
N GLU C 259 -23.21 6.44 -27.39
CA GLU C 259 -23.69 5.22 -28.02
C GLU C 259 -23.96 5.38 -29.51
N GLY C 260 -23.66 6.55 -30.06
CA GLY C 260 -23.87 6.77 -31.47
C GLY C 260 -25.28 7.10 -31.95
N PHE C 261 -26.07 7.77 -31.11
CA PHE C 261 -27.41 8.19 -31.52
C PHE C 261 -27.20 9.58 -32.09
N LEU C 262 -27.90 9.90 -33.18
CA LEU C 262 -27.76 11.22 -33.77
C LEU C 262 -28.56 12.19 -32.93
N PRO C 263 -28.01 13.38 -32.66
CA PRO C 263 -28.77 14.34 -31.85
C PRO C 263 -30.09 14.69 -32.54
N GLU C 264 -30.08 14.75 -33.86
CA GLU C 264 -31.29 15.06 -34.62
C GLU C 264 -32.38 14.01 -34.40
N ALA C 265 -31.97 12.74 -34.33
CA ALA C 265 -32.92 11.65 -34.12
C ALA C 265 -33.47 11.66 -32.70
N LEU C 266 -32.59 11.76 -31.72
CA LEU C 266 -33.01 11.79 -30.33
C LEU C 266 -33.99 12.93 -30.09
N ARG C 267 -33.68 14.08 -30.67
CA ARG C 267 -34.54 15.24 -30.53
C ARG C 267 -35.89 14.99 -31.17
N ASN C 268 -35.87 14.35 -32.34
CA ASN C 268 -37.09 14.04 -33.06
C ASN C 268 -37.93 13.06 -32.25
N TYR C 269 -37.29 12.11 -31.60
CA TYR C 269 -38.01 11.13 -30.80
C TYR C 269 -38.62 11.83 -29.58
N LEU C 270 -37.85 12.73 -28.97
CA LEU C 270 -38.31 13.46 -27.81
C LEU C 270 -39.58 14.27 -28.13
N CYS C 271 -39.66 14.84 -29.34
CA CYS C 271 -40.82 15.62 -29.75
C CYS C 271 -42.08 14.76 -29.80
N LEU C 272 -41.90 13.45 -29.94
CA LEU C 272 -43.02 12.52 -30.02
C LEU C 272 -43.56 12.10 -28.67
N MET C 273 -42.88 12.53 -27.61
CA MET C 273 -43.33 12.21 -26.26
C MET C 273 -44.35 13.29 -25.88
N GLY C 274 -45.63 13.01 -26.06
CA GLY C 274 -46.63 13.98 -25.70
C GLY C 274 -46.98 14.99 -26.78
N PHE C 275 -46.46 14.79 -27.99
CA PHE C 275 -46.78 15.69 -29.09
C PHE C 275 -46.81 14.93 -30.41
N SER C 276 -47.62 15.41 -31.35
CA SER C 276 -47.71 14.78 -32.67
C SER C 276 -48.11 15.80 -33.73
N MET C 277 -47.63 15.62 -34.94
CA MET C 277 -47.94 16.50 -36.06
C MET C 277 -49.37 16.24 -36.49
N PRO C 278 -50.03 17.26 -37.09
CA PRO C 278 -51.42 17.10 -37.55
C PRO C 278 -51.64 15.90 -38.48
N ASP C 279 -50.71 15.70 -39.42
CA ASP C 279 -50.81 14.61 -40.38
C ASP C 279 -50.22 13.28 -39.92
N GLY C 280 -49.86 13.18 -38.65
CA GLY C 280 -49.30 11.94 -38.13
C GLY C 280 -47.86 11.65 -38.50
N ARG C 281 -47.27 12.51 -39.31
CA ARG C 281 -45.87 12.35 -39.73
C ARG C 281 -44.96 12.22 -38.50
N GLU C 282 -44.05 11.25 -38.54
CA GLU C 282 -43.14 11.03 -37.41
C GLU C 282 -41.73 11.57 -37.57
N ILE C 283 -41.30 11.74 -38.81
CA ILE C 283 -39.97 12.25 -39.09
C ILE C 283 -40.07 13.69 -39.52
N PHE C 284 -39.50 14.59 -38.72
CA PHE C 284 -39.51 16.01 -39.04
C PHE C 284 -38.32 16.72 -38.42
N THR C 285 -38.01 17.89 -38.96
CA THR C 285 -36.90 18.70 -38.48
C THR C 285 -37.27 19.50 -37.23
N LEU C 286 -36.25 20.07 -36.59
CA LEU C 286 -36.44 20.88 -35.40
C LEU C 286 -37.23 22.13 -35.80
N GLU C 287 -36.89 22.68 -36.96
CA GLU C 287 -37.54 23.89 -37.44
C GLU C 287 -39.02 23.65 -37.78
N GLU C 288 -39.34 22.47 -38.32
CA GLU C 288 -40.73 22.15 -38.65
C GLU C 288 -41.56 21.98 -37.38
N PHE C 289 -40.93 21.43 -36.34
CA PHE C 289 -41.57 21.21 -35.05
C PHE C 289 -42.02 22.55 -34.45
N ILE C 290 -41.13 23.54 -34.50
CA ILE C 290 -41.40 24.88 -33.98
C ILE C 290 -42.66 25.45 -34.62
N GLN C 291 -42.70 25.36 -35.95
CA GLN C 291 -43.79 25.87 -36.75
C GLN C 291 -45.14 25.19 -36.58
N ALA C 292 -45.12 23.90 -36.28
CA ALA C 292 -46.38 23.19 -36.10
C ALA C 292 -46.79 23.12 -34.65
N PHE C 293 -45.91 23.53 -33.75
CA PHE C 293 -46.25 23.43 -32.34
C PHE C 293 -47.52 24.16 -31.88
N THR C 294 -48.33 23.43 -31.13
CA THR C 294 -49.59 23.95 -30.58
C THR C 294 -49.88 23.17 -29.33
N TRP C 295 -50.34 23.85 -28.28
CA TRP C 295 -50.66 23.16 -27.03
C TRP C 295 -51.83 22.21 -27.20
N GLU C 296 -52.60 22.41 -28.27
CA GLU C 296 -53.76 21.56 -28.55
C GLU C 296 -53.34 20.17 -28.99
N ARG C 297 -52.11 20.04 -29.47
CA ARG C 297 -51.63 18.74 -29.91
C ARG C 297 -50.68 18.06 -28.93
N VAL C 298 -50.68 18.55 -27.69
CA VAL C 298 -49.86 18.00 -26.62
C VAL C 298 -50.72 17.06 -25.78
N SER C 299 -50.30 15.80 -25.63
CA SER C 299 -51.07 14.85 -24.85
C SER C 299 -50.50 14.69 -23.44
N LEU C 300 -51.37 14.50 -22.45
CA LEU C 300 -50.94 14.43 -21.06
C LEU C 300 -50.57 13.12 -20.35
N GLY C 301 -50.69 11.97 -20.99
CA GLY C 301 -50.31 10.75 -20.30
C GLY C 301 -48.79 10.64 -20.17
N GLY C 302 -48.30 9.86 -19.21
CA GLY C 302 -46.87 9.71 -19.03
C GLY C 302 -46.27 8.71 -20.01
N PRO C 303 -45.52 9.18 -21.04
CA PRO C 303 -44.93 8.27 -22.02
C PRO C 303 -43.71 7.45 -21.58
N VAL C 304 -43.74 6.16 -21.92
CA VAL C 304 -42.63 5.28 -21.60
C VAL C 304 -41.58 5.54 -22.69
N PHE C 305 -40.32 5.73 -22.29
CA PHE C 305 -39.25 5.98 -23.24
C PHE C 305 -38.88 4.61 -23.82
N ASP C 306 -39.12 4.44 -25.11
CA ASP C 306 -38.85 3.19 -25.79
C ASP C 306 -37.52 3.25 -26.55
N LEU C 307 -36.48 2.64 -25.97
CA LEU C 307 -35.16 2.63 -26.57
C LEU C 307 -35.20 2.00 -27.96
N GLU C 308 -36.05 0.99 -28.12
CA GLU C 308 -36.17 0.34 -29.42
C GLU C 308 -36.70 1.25 -30.50
N LYS C 309 -37.73 2.05 -30.21
CA LYS C 309 -38.23 2.93 -31.25
C LYS C 309 -37.20 4.01 -31.56
N LEU C 310 -36.43 4.42 -30.55
CA LEU C 310 -35.40 5.44 -30.76
C LEU C 310 -34.38 4.89 -31.76
N ARG C 311 -33.94 3.65 -31.56
CA ARG C 311 -32.96 3.04 -32.46
C ARG C 311 -33.53 2.96 -33.88
N TRP C 312 -34.81 2.68 -33.99
CA TRP C 312 -35.43 2.61 -35.31
C TRP C 312 -35.34 3.98 -35.98
N MET C 313 -35.68 5.01 -35.21
CA MET C 313 -35.65 6.36 -35.73
C MET C 313 -34.22 6.78 -36.10
N ASN C 314 -33.25 6.37 -35.28
CA ASN C 314 -31.86 6.74 -35.54
C ASN C 314 -31.42 6.08 -36.86
N GLY C 315 -31.84 4.84 -37.07
CA GLY C 315 -31.52 4.14 -38.30
C GLY C 315 -32.22 4.81 -39.47
N LYS C 316 -33.44 5.30 -39.23
CA LYS C 316 -34.21 5.99 -40.27
C LYS C 316 -33.44 7.26 -40.71
N TYR C 317 -32.94 8.01 -39.73
CA TYR C 317 -32.19 9.23 -39.99
C TYR C 317 -30.94 8.93 -40.77
N ILE C 318 -30.24 7.88 -40.34
CA ILE C 318 -28.99 7.46 -40.96
C ILE C 318 -29.16 7.13 -42.42
N ARG C 319 -30.26 6.48 -42.78
CA ARG C 319 -30.43 6.14 -44.17
C ARG C 319 -31.30 7.06 -45.04
N GLU C 320 -32.14 7.89 -44.43
CA GLU C 320 -33.00 8.75 -45.23
C GLU C 320 -32.96 10.25 -44.97
N VAL C 321 -32.49 10.68 -43.81
CA VAL C 321 -32.47 12.11 -43.54
C VAL C 321 -31.14 12.76 -43.84
N LEU C 322 -30.07 12.20 -43.30
CA LEU C 322 -28.74 12.72 -43.54
C LEU C 322 -28.30 12.24 -44.91
N SER C 323 -27.24 12.84 -45.43
CA SER C 323 -26.69 12.46 -46.73
C SER C 323 -25.59 11.45 -46.43
N LEU C 324 -25.13 10.77 -47.48
CA LEU C 324 -24.06 9.79 -47.32
C LEU C 324 -22.85 10.42 -46.66
N GLU C 325 -22.49 11.60 -47.14
CA GLU C 325 -21.34 12.33 -46.64
C GLU C 325 -21.44 12.70 -45.15
N GLU C 326 -22.62 13.13 -44.71
CA GLU C 326 -22.80 13.50 -43.31
C GLU C 326 -22.60 12.26 -42.44
N VAL C 327 -23.15 11.14 -42.88
CA VAL C 327 -23.01 9.91 -42.11
C VAL C 327 -21.53 9.51 -42.05
N ALA C 328 -20.87 9.60 -43.20
CA ALA C 328 -19.46 9.26 -43.31
C ALA C 328 -18.62 10.07 -42.32
N GLU C 329 -18.96 11.34 -42.15
CA GLU C 329 -18.25 12.21 -41.23
C GLU C 329 -18.54 11.86 -39.77
N ARG C 330 -19.82 11.66 -39.46
CA ARG C 330 -20.24 11.34 -38.10
C ARG C 330 -19.80 9.99 -37.62
N VAL C 331 -19.34 9.17 -38.55
CA VAL C 331 -18.87 7.83 -38.23
C VAL C 331 -17.39 7.81 -37.81
N LYS C 332 -16.63 8.84 -38.21
CA LYS C 332 -15.21 8.91 -37.92
C LYS C 332 -14.81 8.78 -36.45
N PRO C 333 -15.45 9.56 -35.56
CA PRO C 333 -15.10 9.47 -34.14
C PRO C 333 -15.16 8.03 -33.63
N PHE C 334 -16.17 7.29 -34.08
CA PHE C 334 -16.38 5.92 -33.63
C PHE C 334 -15.37 4.96 -34.24
N LEU C 335 -14.85 5.30 -35.41
CA LEU C 335 -13.84 4.45 -35.99
C LEU C 335 -12.61 4.65 -35.11
N ARG C 336 -12.23 5.91 -34.93
CA ARG C 336 -11.06 6.24 -34.11
C ARG C 336 -11.12 5.55 -32.76
N GLU C 337 -12.26 5.68 -32.08
CA GLU C 337 -12.47 5.06 -30.78
C GLU C 337 -12.23 3.55 -30.82
N ALA C 338 -12.54 2.93 -31.96
CA ALA C 338 -12.35 1.49 -32.13
C ALA C 338 -10.93 1.17 -32.59
N GLY C 339 -10.09 2.20 -32.69
CA GLY C 339 -8.71 1.99 -33.10
C GLY C 339 -8.58 1.66 -34.58
N LEU C 340 -9.64 1.91 -35.33
CA LEU C 340 -9.64 1.63 -36.75
C LEU C 340 -9.25 2.87 -37.55
N SER C 341 -8.67 2.64 -38.71
CA SER C 341 -8.25 3.71 -39.59
C SER C 341 -8.86 3.47 -40.97
N TRP C 342 -9.09 4.54 -41.73
CA TRP C 342 -9.64 4.41 -43.06
C TRP C 342 -8.62 5.03 -44.02
N GLU C 343 -8.43 4.38 -45.16
CA GLU C 343 -7.47 4.82 -46.16
C GLU C 343 -7.62 6.26 -46.62
N SER C 344 -8.77 6.56 -47.21
CA SER C 344 -9.06 7.89 -47.72
C SER C 344 -10.53 8.19 -47.55
N GLU C 345 -10.92 9.40 -47.91
CA GLU C 345 -12.32 9.80 -47.81
C GLU C 345 -13.16 8.96 -48.75
N ALA C 346 -12.60 8.68 -49.93
CA ALA C 346 -13.31 7.89 -50.93
C ALA C 346 -13.61 6.49 -50.41
N TYR C 347 -12.61 5.87 -49.80
CA TYR C 347 -12.77 4.53 -49.26
C TYR C 347 -13.84 4.50 -48.17
N LEU C 348 -13.71 5.43 -47.23
CA LEU C 348 -14.64 5.53 -46.11
C LEU C 348 -16.08 5.72 -46.62
N ARG C 349 -16.25 6.70 -47.53
CA ARG C 349 -17.55 6.99 -48.11
C ARG C 349 -18.17 5.75 -48.71
N ARG C 350 -17.39 5.02 -49.50
CA ARG C 350 -17.92 3.81 -50.11
C ARG C 350 -18.25 2.73 -49.06
N ALA C 351 -17.41 2.61 -48.04
CA ALA C 351 -17.63 1.63 -46.99
C ALA C 351 -18.93 1.98 -46.24
N VAL C 352 -19.08 3.25 -45.92
CA VAL C 352 -20.30 3.70 -45.24
C VAL C 352 -21.52 3.49 -46.13
N GLU C 353 -21.36 3.74 -47.43
CA GLU C 353 -22.46 3.55 -48.35
C GLU C 353 -22.94 2.10 -48.35
N LEU C 354 -22.01 1.16 -48.39
CA LEU C 354 -22.35 -0.26 -48.41
C LEU C 354 -23.02 -0.74 -47.13
N MET C 355 -22.69 -0.11 -46.01
CA MET C 355 -23.25 -0.48 -44.72
C MET C 355 -24.44 0.35 -44.23
N ARG C 356 -24.79 1.40 -44.96
CA ARG C 356 -25.88 2.29 -44.55
C ARG C 356 -27.17 1.64 -44.05
N PRO C 357 -27.70 0.65 -44.78
CA PRO C 357 -28.94 0.02 -44.33
C PRO C 357 -28.68 -1.07 -43.30
N ARG C 358 -27.46 -1.16 -42.79
CA ARG C 358 -27.14 -2.20 -41.85
C ARG C 358 -26.71 -1.77 -40.45
N PHE C 359 -26.83 -0.49 -40.13
CA PHE C 359 -26.50 -0.05 -38.78
C PHE C 359 -27.41 1.08 -38.31
N ASP C 360 -27.95 0.95 -37.10
CA ASP C 360 -28.85 1.93 -36.52
C ASP C 360 -28.20 2.96 -35.60
N THR C 361 -26.96 2.71 -35.19
CA THR C 361 -26.20 3.63 -34.34
C THR C 361 -24.81 3.77 -34.95
N LEU C 362 -24.19 4.94 -34.78
CA LEU C 362 -22.86 5.15 -35.34
C LEU C 362 -21.86 4.16 -34.76
N LYS C 363 -22.14 3.70 -33.54
CA LYS C 363 -21.27 2.75 -32.86
C LYS C 363 -21.30 1.36 -33.51
N GLU C 364 -22.45 0.98 -34.06
CA GLU C 364 -22.58 -0.33 -34.71
C GLU C 364 -21.76 -0.41 -35.99
N PHE C 365 -21.50 0.72 -36.63
CA PHE C 365 -20.74 0.70 -37.88
C PHE C 365 -19.36 0.04 -37.74
N PRO C 366 -18.50 0.52 -36.82
CA PRO C 366 -17.17 -0.09 -36.66
C PRO C 366 -17.26 -1.55 -36.24
N GLU C 367 -18.36 -1.90 -35.59
CA GLU C 367 -18.57 -3.27 -35.12
C GLU C 367 -18.96 -4.25 -36.22
N LYS C 368 -19.85 -3.84 -37.12
CA LYS C 368 -20.32 -4.72 -38.19
C LYS C 368 -19.48 -4.67 -39.48
N ALA C 369 -18.60 -3.68 -39.59
CA ALA C 369 -17.77 -3.55 -40.79
C ALA C 369 -16.29 -3.49 -40.44
N ARG C 370 -15.92 -4.08 -39.30
CA ARG C 370 -14.54 -4.07 -38.87
C ARG C 370 -13.60 -4.66 -39.93
N TYR C 371 -14.05 -5.74 -40.57
CA TYR C 371 -13.27 -6.39 -41.60
C TYR C 371 -12.97 -5.49 -42.80
N LEU C 372 -13.63 -4.33 -42.88
CA LEU C 372 -13.39 -3.41 -43.99
C LEU C 372 -12.25 -2.43 -43.72
N PHE C 373 -11.82 -2.36 -42.48
CA PHE C 373 -10.76 -1.41 -42.10
C PHE C 373 -9.53 -2.05 -41.48
N THR C 374 -9.60 -3.34 -41.15
CA THR C 374 -8.47 -4.00 -40.53
C THR C 374 -8.46 -5.48 -40.86
N GLU C 375 -7.28 -6.09 -40.78
CA GLU C 375 -7.14 -7.51 -41.03
C GLU C 375 -7.43 -8.24 -39.72
N ASP C 376 -7.50 -7.47 -38.63
CA ASP C 376 -7.80 -8.02 -37.31
C ASP C 376 -9.31 -8.17 -37.12
N TYR C 377 -9.93 -9.10 -37.84
CA TYR C 377 -11.37 -9.31 -37.71
C TYR C 377 -11.72 -10.74 -37.35
N PRO C 378 -12.82 -10.94 -36.61
CA PRO C 378 -13.25 -12.28 -36.20
C PRO C 378 -13.90 -13.06 -37.34
N VAL C 379 -13.81 -14.38 -37.25
CA VAL C 379 -14.40 -15.28 -38.24
C VAL C 379 -15.36 -16.16 -37.46
N SER C 380 -16.65 -16.09 -37.79
CA SER C 380 -17.62 -16.90 -37.07
C SER C 380 -17.44 -18.38 -37.37
N GLU C 381 -17.88 -19.23 -36.45
CA GLU C 381 -17.80 -20.68 -36.64
C GLU C 381 -18.64 -21.03 -37.85
N LYS C 382 -19.75 -20.30 -38.01
CA LYS C 382 -20.67 -20.51 -39.12
C LYS C 382 -20.07 -20.04 -40.44
N ALA C 383 -19.16 -19.08 -40.36
CA ALA C 383 -18.50 -18.57 -41.55
C ALA C 383 -17.40 -19.57 -41.90
N GLN C 384 -16.75 -20.08 -40.86
CA GLN C 384 -15.68 -21.05 -41.02
C GLN C 384 -16.16 -22.33 -41.66
N ARG C 385 -17.34 -22.80 -41.25
CA ARG C 385 -17.91 -24.03 -41.79
C ARG C 385 -18.23 -23.85 -43.27
N LYS C 386 -18.78 -22.68 -43.62
CA LYS C 386 -19.14 -22.39 -45.00
C LYS C 386 -17.87 -22.29 -45.84
N LEU C 387 -16.82 -21.75 -45.23
CA LEU C 387 -15.54 -21.60 -45.91
C LEU C 387 -14.94 -22.96 -46.26
N GLU C 388 -14.98 -23.89 -45.32
CA GLU C 388 -14.43 -25.22 -45.56
C GLU C 388 -15.24 -25.95 -46.62
N GLU C 389 -16.57 -25.87 -46.51
CA GLU C 389 -17.43 -26.54 -47.48
C GLU C 389 -17.23 -26.03 -48.90
N GLY C 390 -16.75 -24.80 -49.04
CA GLY C 390 -16.55 -24.25 -50.37
C GLY C 390 -15.12 -24.12 -50.82
N LEU C 391 -14.18 -24.64 -50.04
CA LEU C 391 -12.76 -24.56 -50.38
C LEU C 391 -12.43 -25.09 -51.77
N PRO C 392 -12.98 -26.27 -52.13
CA PRO C 392 -12.71 -26.84 -53.45
C PRO C 392 -13.03 -25.94 -54.64
N LEU C 393 -14.22 -25.35 -54.67
CA LEU C 393 -14.57 -24.49 -55.79
C LEU C 393 -13.87 -23.14 -55.75
N LEU C 394 -13.48 -22.69 -54.57
CA LEU C 394 -12.77 -21.43 -54.48
C LEU C 394 -11.37 -21.63 -55.08
N LYS C 395 -10.75 -22.77 -54.76
CA LYS C 395 -9.43 -23.10 -55.28
C LYS C 395 -9.48 -23.02 -56.80
N GLU C 396 -10.59 -23.47 -57.37
CA GLU C 396 -10.79 -23.46 -58.81
C GLU C 396 -11.08 -22.07 -59.37
N LEU C 397 -11.83 -21.27 -58.61
CA LEU C 397 -12.17 -19.93 -59.03
C LEU C 397 -10.98 -18.98 -58.90
N TYR C 398 -10.19 -19.20 -57.86
CA TYR C 398 -9.02 -18.35 -57.60
C TYR C 398 -8.24 -17.93 -58.83
N PRO C 399 -7.76 -18.90 -59.63
CA PRO C 399 -6.99 -18.56 -60.82
C PRO C 399 -7.77 -17.69 -61.82
N ARG C 400 -9.07 -17.93 -61.92
CA ARG C 400 -9.92 -17.14 -62.83
C ARG C 400 -9.86 -15.70 -62.34
N LEU C 401 -9.99 -15.53 -61.03
CA LEU C 401 -9.97 -14.23 -60.39
C LEU C 401 -8.67 -13.48 -60.69
N ARG C 402 -7.54 -14.15 -60.47
CA ARG C 402 -6.25 -13.52 -60.71
C ARG C 402 -6.08 -13.20 -62.20
N ALA C 403 -6.99 -13.75 -63.02
CA ALA C 403 -6.97 -13.53 -64.47
C ALA C 403 -7.83 -12.31 -64.88
N GLN C 404 -8.67 -11.86 -63.96
CA GLN C 404 -9.53 -10.71 -64.20
C GLN C 404 -8.74 -9.41 -64.25
N GLU C 405 -8.81 -8.72 -65.38
CA GLU C 405 -8.10 -7.46 -65.54
C GLU C 405 -8.99 -6.32 -65.03
N GLU C 406 -10.21 -6.26 -65.53
CA GLU C 406 -11.16 -5.23 -65.12
C GLU C 406 -11.82 -5.64 -63.80
N TRP C 407 -11.21 -5.20 -62.70
CA TRP C 407 -11.71 -5.51 -61.38
C TRP C 407 -12.88 -4.59 -61.02
N THR C 408 -14.02 -4.84 -61.67
CA THR C 408 -15.23 -4.04 -61.44
C THR C 408 -16.37 -4.93 -60.99
N GLU C 409 -17.31 -4.34 -60.24
CA GLU C 409 -18.47 -5.07 -59.74
C GLU C 409 -19.24 -5.75 -60.87
N ALA C 410 -19.41 -5.03 -61.97
CA ALA C 410 -20.13 -5.57 -63.12
C ALA C 410 -19.40 -6.79 -63.68
N ALA C 411 -18.09 -6.65 -63.82
CA ALA C 411 -17.26 -7.73 -64.35
C ALA C 411 -17.25 -8.93 -63.42
N LEU C 412 -16.83 -8.71 -62.18
CA LEU C 412 -16.78 -9.77 -61.19
C LEU C 412 -18.07 -10.58 -61.15
N GLU C 413 -19.21 -9.91 -61.18
CA GLU C 413 -20.49 -10.63 -61.14
C GLU C 413 -20.63 -11.55 -62.35
N ALA C 414 -20.34 -11.02 -63.54
CA ALA C 414 -20.45 -11.83 -64.76
C ALA C 414 -19.51 -13.04 -64.66
N LEU C 415 -18.30 -12.81 -64.18
CA LEU C 415 -17.31 -13.87 -64.01
C LEU C 415 -17.85 -14.97 -63.10
N LEU C 416 -18.29 -14.59 -61.90
CA LEU C 416 -18.83 -15.52 -60.92
C LEU C 416 -20.08 -16.22 -61.44
N ARG C 417 -20.99 -15.46 -62.05
CA ARG C 417 -22.22 -16.04 -62.59
C ARG C 417 -21.83 -17.20 -63.53
N GLY C 418 -20.80 -16.96 -64.33
CA GLY C 418 -20.35 -17.98 -65.26
C GLY C 418 -19.75 -19.18 -64.54
N PHE C 419 -18.81 -18.89 -63.64
CA PHE C 419 -18.15 -19.95 -62.88
C PHE C 419 -19.15 -20.85 -62.17
N ALA C 420 -20.24 -20.26 -61.67
CA ALA C 420 -21.25 -21.04 -60.97
C ALA C 420 -22.09 -21.83 -61.97
N ALA C 421 -22.22 -21.28 -63.17
CA ALA C 421 -22.99 -21.93 -64.22
C ALA C 421 -22.24 -23.12 -64.78
N GLU C 422 -21.03 -22.87 -65.28
CA GLU C 422 -20.22 -23.93 -65.84
C GLU C 422 -20.02 -25.06 -64.83
N LYS C 423 -20.13 -24.72 -63.55
CA LYS C 423 -19.97 -25.71 -62.48
C LYS C 423 -21.32 -26.29 -62.12
N GLY C 424 -22.35 -25.89 -62.86
CA GLY C 424 -23.69 -26.39 -62.61
C GLY C 424 -24.03 -26.30 -61.14
N VAL C 425 -23.95 -25.09 -60.59
CA VAL C 425 -24.26 -24.87 -59.19
C VAL C 425 -24.82 -23.46 -58.99
N LYS C 426 -25.61 -23.28 -57.93
CA LYS C 426 -26.21 -21.98 -57.64
C LYS C 426 -25.12 -20.99 -57.22
N LEU C 427 -25.30 -19.72 -57.54
CA LEU C 427 -24.32 -18.68 -57.19
C LEU C 427 -23.98 -18.70 -55.70
N GLY C 428 -25.01 -18.84 -54.86
CA GLY C 428 -24.78 -18.86 -53.43
C GLY C 428 -23.76 -19.88 -53.01
N GLN C 429 -23.76 -21.03 -53.68
CA GLN C 429 -22.84 -22.10 -53.37
C GLN C 429 -21.38 -21.68 -53.51
N VAL C 430 -21.16 -20.54 -54.15
CA VAL C 430 -19.81 -20.02 -54.32
C VAL C 430 -19.69 -18.65 -53.66
N ALA C 431 -20.78 -17.89 -53.72
CA ALA C 431 -20.84 -16.55 -53.13
C ALA C 431 -20.66 -16.56 -51.61
N GLN C 432 -21.43 -17.41 -50.93
CA GLN C 432 -21.36 -17.49 -49.48
C GLN C 432 -19.95 -17.80 -48.98
N PRO C 433 -19.35 -18.88 -49.47
CA PRO C 433 -17.99 -19.19 -49.00
C PRO C 433 -16.97 -18.09 -49.32
N LEU C 434 -17.14 -17.40 -50.45
CA LEU C 434 -16.22 -16.33 -50.82
C LEU C 434 -16.42 -15.16 -49.86
N ARG C 435 -17.67 -14.96 -49.45
CA ARG C 435 -18.02 -13.91 -48.51
C ARG C 435 -17.34 -14.19 -47.18
N ALA C 436 -17.38 -15.45 -46.74
CA ALA C 436 -16.76 -15.83 -45.48
C ALA C 436 -15.26 -15.58 -45.53
N ALA C 437 -14.65 -15.91 -46.66
CA ALA C 437 -13.21 -15.72 -46.82
C ALA C 437 -12.84 -14.23 -46.80
N LEU C 438 -13.65 -13.41 -47.46
CA LEU C 438 -13.41 -11.99 -47.54
C LEU C 438 -13.75 -11.16 -46.29
N THR C 439 -14.68 -11.64 -45.48
CA THR C 439 -15.09 -10.87 -44.31
C THR C 439 -15.08 -11.56 -42.95
N GLY C 440 -15.04 -12.89 -42.94
CA GLY C 440 -15.05 -13.61 -41.68
C GLY C 440 -16.46 -13.61 -41.12
N SER C 441 -17.42 -13.24 -41.97
CA SER C 441 -18.81 -13.19 -41.58
C SER C 441 -19.70 -13.68 -42.71
N LEU C 442 -20.96 -13.98 -42.39
CA LEU C 442 -21.91 -14.46 -43.40
C LEU C 442 -23.09 -13.49 -43.48
N GLU C 443 -22.92 -12.32 -42.89
CA GLU C 443 -23.94 -11.26 -42.89
C GLU C 443 -23.22 -9.95 -43.23
N THR C 444 -23.25 -9.61 -44.51
CA THR C 444 -22.55 -8.43 -45.00
C THR C 444 -23.33 -7.85 -46.18
N PRO C 445 -22.74 -6.85 -46.86
CA PRO C 445 -23.47 -6.31 -48.01
C PRO C 445 -23.09 -7.19 -49.21
N GLY C 446 -23.69 -6.91 -50.37
CA GLY C 446 -23.43 -7.68 -51.58
C GLY C 446 -21.99 -8.07 -51.85
N LEU C 447 -21.80 -9.29 -52.34
CA LEU C 447 -20.48 -9.83 -52.63
C LEU C 447 -19.66 -9.07 -53.68
N PHE C 448 -20.30 -8.63 -54.76
CA PHE C 448 -19.58 -7.94 -55.80
C PHE C 448 -19.02 -6.61 -55.32
N GLU C 449 -19.82 -5.88 -54.54
CA GLU C 449 -19.38 -4.60 -54.01
C GLU C 449 -18.32 -4.82 -52.93
N ILE C 450 -18.44 -5.91 -52.19
CA ILE C 450 -17.47 -6.21 -51.15
C ILE C 450 -16.17 -6.63 -51.81
N LEU C 451 -16.30 -7.45 -52.86
CA LEU C 451 -15.13 -7.93 -53.61
C LEU C 451 -14.43 -6.75 -54.28
N ALA C 452 -15.21 -5.90 -54.92
CA ALA C 452 -14.67 -4.74 -55.62
C ALA C 452 -13.98 -3.74 -54.69
N LEU C 453 -14.62 -3.42 -53.57
CA LEU C 453 -14.12 -2.44 -52.61
C LEU C 453 -12.61 -2.36 -52.36
N LEU C 454 -11.99 -3.48 -51.98
CA LEU C 454 -10.56 -3.50 -51.66
C LEU C 454 -9.61 -3.47 -52.86
N GLY C 455 -10.13 -3.76 -54.05
CA GLY C 455 -9.28 -3.79 -55.22
C GLY C 455 -8.72 -5.18 -55.39
N LYS C 456 -8.33 -5.52 -56.61
CA LYS C 456 -7.78 -6.84 -56.94
C LYS C 456 -6.77 -7.43 -55.96
N GLU C 457 -5.64 -6.76 -55.79
CA GLU C 457 -4.61 -7.24 -54.88
C GLU C 457 -5.10 -7.61 -53.49
N ARG C 458 -5.66 -6.64 -52.77
CA ARG C 458 -6.13 -6.85 -51.41
C ARG C 458 -7.17 -7.97 -51.32
N ALA C 459 -8.07 -8.02 -52.30
CA ALA C 459 -9.10 -9.06 -52.31
C ALA C 459 -8.50 -10.47 -52.38
N LEU C 460 -7.73 -10.72 -53.43
CA LEU C 460 -7.10 -12.02 -53.64
C LEU C 460 -6.13 -12.35 -52.52
N ARG C 461 -5.38 -11.35 -52.09
CA ARG C 461 -4.40 -11.54 -51.03
C ARG C 461 -5.09 -12.12 -49.80
N ARG C 462 -6.29 -11.62 -49.50
CA ARG C 462 -7.03 -12.10 -48.35
C ARG C 462 -7.63 -13.47 -48.66
N LEU C 463 -8.03 -13.65 -49.92
CA LEU C 463 -8.62 -14.90 -50.38
C LEU C 463 -7.57 -16.00 -50.29
N GLU C 464 -6.32 -15.62 -50.48
CA GLU C 464 -5.22 -16.57 -50.43
C GLU C 464 -5.01 -17.16 -49.04
N ARG C 465 -5.03 -16.32 -48.01
CA ARG C 465 -4.84 -16.79 -46.65
C ARG C 465 -5.93 -17.82 -46.32
N ALA C 466 -7.09 -17.64 -46.92
CA ALA C 466 -8.22 -18.54 -46.70
C ALA C 466 -7.97 -19.88 -47.39
N LEU C 467 -7.55 -19.82 -48.64
CA LEU C 467 -7.28 -21.04 -49.40
C LEU C 467 -6.04 -21.73 -48.82
N ALA C 468 -5.21 -20.97 -48.12
CA ALA C 468 -4.01 -21.52 -47.51
C ALA C 468 -4.43 -22.45 -46.39
N MET D 1 15.31 11.03 22.88
CA MET D 1 15.73 9.86 22.05
C MET D 1 15.97 8.63 22.93
N VAL D 2 16.53 7.57 22.34
CA VAL D 2 16.82 6.35 23.07
C VAL D 2 18.30 6.26 23.41
N VAL D 3 18.61 6.04 24.69
CA VAL D 3 19.99 5.90 25.14
C VAL D 3 20.14 4.61 25.96
N THR D 4 21.01 3.71 25.51
CA THR D 4 21.23 2.46 26.22
C THR D 4 22.67 2.39 26.68
N ARG D 5 22.97 1.42 27.55
CA ARG D 5 24.33 1.26 27.99
C ARG D 5 24.69 -0.15 28.43
N ILE D 6 25.99 -0.41 28.45
CA ILE D 6 26.54 -1.67 28.90
C ILE D 6 27.43 -1.17 30.03
N ALA D 7 27.24 -1.69 31.23
CA ALA D 7 28.03 -1.25 32.38
C ALA D 7 28.79 -2.40 33.01
N PRO D 8 29.84 -2.89 32.33
CA PRO D 8 30.63 -4.01 32.85
C PRO D 8 31.56 -3.64 34.00
N SER D 9 31.79 -4.61 34.87
CA SER D 9 32.69 -4.44 35.99
C SER D 9 33.97 -5.18 35.58
N PRO D 10 35.13 -4.48 35.63
CA PRO D 10 36.42 -5.08 35.26
C PRO D 10 36.96 -5.93 36.40
N THR D 11 36.55 -7.20 36.46
CA THR D 11 37.01 -8.08 37.51
C THR D 11 37.57 -9.37 36.94
N GLY D 12 37.76 -9.40 35.62
CA GLY D 12 38.28 -10.60 35.01
C GLY D 12 38.25 -10.61 33.49
N ASP D 13 38.20 -11.81 32.92
CA ASP D 13 38.17 -11.98 31.48
C ASP D 13 36.90 -11.36 30.91
N PRO D 14 36.95 -10.88 29.67
CA PRO D 14 35.74 -10.29 29.09
C PRO D 14 34.71 -11.42 29.00
N HIS D 15 33.60 -11.24 29.71
CA HIS D 15 32.56 -12.26 29.78
C HIS D 15 31.57 -12.32 28.61
N VAL D 16 31.29 -13.54 28.17
CA VAL D 16 30.36 -13.78 27.08
C VAL D 16 28.99 -13.22 27.41
N GLY D 17 28.64 -13.23 28.71
CA GLY D 17 27.35 -12.69 29.13
C GLY D 17 27.29 -11.20 28.87
N THR D 18 28.40 -10.50 29.08
CA THR D 18 28.42 -9.05 28.85
C THR D 18 28.27 -8.79 27.35
N ALA D 19 28.96 -9.60 26.55
CA ALA D 19 28.89 -9.47 25.11
C ALA D 19 27.44 -9.64 24.66
N TYR D 20 26.75 -10.60 25.28
CA TYR D 20 25.36 -10.88 24.96
C TYR D 20 24.44 -9.69 25.25
N ILE D 21 24.55 -9.11 26.44
CA ILE D 21 23.72 -7.95 26.76
C ILE D 21 24.10 -6.74 25.90
N ALA D 22 25.40 -6.56 25.66
CA ALA D 22 25.89 -5.46 24.84
C ALA D 22 25.21 -5.49 23.47
N LEU D 23 25.19 -6.70 22.88
CA LEU D 23 24.59 -6.94 21.58
C LEU D 23 23.17 -6.38 21.47
N PHE D 24 22.32 -6.66 22.45
CA PHE D 24 20.96 -6.15 22.39
C PHE D 24 20.85 -4.66 22.70
N ASN D 25 21.78 -4.13 23.50
CA ASN D 25 21.73 -2.72 23.81
C ASN D 25 22.12 -1.93 22.56
N TYR D 26 23.12 -2.45 21.87
CA TYR D 26 23.63 -1.86 20.65
C TYR D 26 22.53 -1.86 19.59
N ALA D 27 21.82 -2.98 19.49
CA ALA D 27 20.76 -3.11 18.51
C ALA D 27 19.59 -2.16 18.78
N TRP D 28 19.13 -2.11 20.03
CA TRP D 28 18.00 -1.25 20.37
C TRP D 28 18.33 0.22 20.12
N ALA D 29 19.56 0.62 20.44
CA ALA D 29 19.97 1.99 20.24
C ALA D 29 19.97 2.34 18.75
N ARG D 30 20.78 1.63 17.98
CA ARG D 30 20.90 1.87 16.55
C ARG D 30 19.54 1.82 15.84
N ARG D 31 18.72 0.85 16.21
CA ARG D 31 17.40 0.70 15.60
C ARG D 31 16.55 1.96 15.82
N ASN D 32 16.79 2.67 16.92
CA ASN D 32 16.02 3.88 17.21
C ASN D 32 16.81 5.17 16.96
N GLY D 33 17.96 5.05 16.31
CA GLY D 33 18.77 6.23 16.05
C GLY D 33 19.15 6.87 17.36
N GLY D 34 19.50 6.03 18.34
CA GLY D 34 19.88 6.55 19.64
C GLY D 34 21.37 6.44 19.93
N ARG D 35 21.72 6.39 21.21
CA ARG D 35 23.11 6.27 21.61
C ARG D 35 23.36 5.07 22.52
N PHE D 36 24.43 4.35 22.23
CA PHE D 36 24.85 3.19 23.00
C PHE D 36 26.12 3.60 23.77
N ILE D 37 26.00 3.67 25.09
CA ILE D 37 27.10 4.08 25.97
C ILE D 37 27.75 2.91 26.72
N VAL D 38 29.02 3.10 27.06
CA VAL D 38 29.78 2.13 27.84
C VAL D 38 30.20 2.81 29.14
N ARG D 39 29.79 2.24 30.27
CA ARG D 39 30.17 2.77 31.56
C ARG D 39 30.91 1.65 32.32
N ILE D 40 32.12 1.94 32.79
CA ILE D 40 32.89 0.96 33.53
C ILE D 40 32.50 1.04 35.00
N GLU D 41 32.03 -0.07 35.55
CA GLU D 41 31.61 -0.07 36.94
C GLU D 41 32.64 -0.75 37.84
N ASP D 42 33.65 0.04 38.19
CA ASP D 42 34.78 -0.38 39.02
C ASP D 42 34.70 0.20 40.44
N THR D 43 33.52 0.15 41.03
CA THR D 43 33.29 0.68 42.38
C THR D 43 33.72 -0.26 43.50
N ASP D 44 34.10 -1.49 43.16
CA ASP D 44 34.53 -2.44 44.18
C ASP D 44 36.02 -2.68 44.13
N ARG D 45 36.76 -1.89 44.91
CA ARG D 45 38.20 -1.97 44.98
C ARG D 45 38.73 -3.38 45.25
N ALA D 46 37.96 -4.17 45.97
CA ALA D 46 38.37 -5.52 46.32
C ALA D 46 38.50 -6.45 45.11
N ARG D 47 37.44 -6.56 44.33
CA ARG D 47 37.45 -7.44 43.17
C ARG D 47 37.94 -6.74 41.89
N TYR D 48 38.27 -5.46 42.02
CA TYR D 48 38.74 -4.68 40.87
C TYR D 48 40.02 -5.24 40.26
N VAL D 49 40.01 -5.38 38.94
CA VAL D 49 41.18 -5.89 38.22
C VAL D 49 41.54 -4.90 37.11
N PRO D 50 42.66 -4.19 37.27
CA PRO D 50 43.07 -3.23 36.24
C PRO D 50 43.40 -3.91 34.91
N GLY D 51 42.97 -3.31 33.81
CA GLY D 51 43.23 -3.91 32.51
C GLY D 51 42.06 -4.75 32.01
N ALA D 52 41.20 -5.17 32.92
CA ALA D 52 40.03 -5.97 32.53
C ALA D 52 39.18 -5.05 31.66
N GLU D 53 39.31 -3.75 31.91
CA GLU D 53 38.59 -2.74 31.15
C GLU D 53 39.02 -2.77 29.70
N GLU D 54 40.32 -2.65 29.47
CA GLU D 54 40.83 -2.66 28.11
C GLU D 54 40.43 -3.94 27.38
N ARG D 55 40.41 -5.05 28.10
CA ARG D 55 40.05 -6.34 27.49
C ARG D 55 38.58 -6.42 27.07
N ILE D 56 37.68 -5.93 27.90
CA ILE D 56 36.27 -5.98 27.55
C ILE D 56 35.94 -5.01 26.40
N LEU D 57 36.59 -3.85 26.38
CA LEU D 57 36.36 -2.88 25.30
C LEU D 57 36.84 -3.44 23.97
N ALA D 58 37.99 -4.11 24.01
CA ALA D 58 38.59 -4.74 22.83
C ALA D 58 37.73 -5.91 22.36
N ALA D 59 37.19 -6.68 23.30
CA ALA D 59 36.35 -7.82 22.97
C ALA D 59 35.08 -7.36 22.27
N LEU D 60 34.44 -6.33 22.80
CA LEU D 60 33.23 -5.79 22.20
C LEU D 60 33.48 -5.29 20.78
N LYS D 61 34.63 -4.64 20.58
CA LYS D 61 34.98 -4.15 19.27
C LYS D 61 35.28 -5.35 18.37
N TRP D 62 35.92 -6.37 18.94
CA TRP D 62 36.24 -7.56 18.19
C TRP D 62 34.97 -8.24 17.66
N LEU D 63 33.89 -8.19 18.43
CA LEU D 63 32.63 -8.81 18.02
C LEU D 63 31.92 -8.05 16.92
N GLY D 64 32.39 -6.83 16.65
CA GLY D 64 31.78 -6.03 15.62
C GLY D 64 30.93 -4.89 16.13
N LEU D 65 30.90 -4.72 17.45
CA LEU D 65 30.10 -3.65 18.04
C LEU D 65 30.87 -2.34 18.05
N SER D 66 30.12 -1.25 18.21
CA SER D 66 30.64 0.11 18.30
C SER D 66 29.82 0.73 19.40
N TYR D 67 30.37 1.73 20.07
CA TYR D 67 29.61 2.42 21.09
C TYR D 67 29.82 3.89 20.82
N ASP D 68 28.90 4.72 21.29
CA ASP D 68 29.00 6.14 21.00
C ASP D 68 29.68 7.00 22.07
N GLU D 69 29.67 6.53 23.31
CA GLU D 69 30.32 7.23 24.40
C GLU D 69 31.02 6.14 25.22
N GLY D 70 32.12 6.49 25.86
CA GLY D 70 32.84 5.51 26.66
C GLY D 70 34.11 6.08 27.24
N PRO D 71 34.80 5.32 28.11
CA PRO D 71 36.05 5.72 28.77
C PRO D 71 37.12 6.20 27.80
N ASP D 72 37.46 5.32 26.86
CA ASP D 72 38.48 5.62 25.86
C ASP D 72 38.05 6.60 24.76
N VAL D 73 36.79 6.53 24.33
CA VAL D 73 36.29 7.41 23.27
C VAL D 73 35.79 8.75 23.81
N GLY D 74 35.67 8.86 25.12
CA GLY D 74 35.17 10.10 25.70
C GLY D 74 33.67 10.26 25.48
N GLY D 75 33.15 11.43 25.82
CA GLY D 75 31.73 11.69 25.66
C GLY D 75 31.28 12.90 26.45
N PRO D 76 30.05 13.36 26.22
CA PRO D 76 29.41 14.51 26.84
C PRO D 76 29.05 14.37 28.32
N HIS D 77 28.98 13.14 28.83
CA HIS D 77 28.60 12.93 30.22
C HIS D 77 29.55 12.06 31.01
N GLY D 78 30.85 12.30 30.83
CA GLY D 78 31.83 11.53 31.55
C GLY D 78 32.05 12.13 32.92
N PRO D 79 32.98 11.59 33.72
CA PRO D 79 33.83 10.44 33.40
C PRO D 79 32.95 9.22 33.15
N TYR D 80 33.49 8.24 32.44
CA TYR D 80 32.75 7.02 32.17
C TYR D 80 33.23 5.83 33.00
N ARG D 81 33.94 6.13 34.08
CA ARG D 81 34.44 5.14 35.02
C ARG D 81 33.88 5.57 36.37
N GLN D 82 33.15 4.70 37.03
CA GLN D 82 32.56 5.07 38.32
C GLN D 82 33.61 5.45 39.37
N SER D 83 34.82 4.89 39.23
CA SER D 83 35.87 5.18 40.18
C SER D 83 36.28 6.65 40.05
N GLU D 84 36.06 7.22 38.89
CA GLU D 84 36.40 8.62 38.63
C GLU D 84 35.33 9.61 39.07
N ARG D 85 34.21 9.11 39.58
CA ARG D 85 33.13 10.00 40.00
C ARG D 85 32.63 9.82 41.45
N LEU D 86 33.50 9.33 42.32
CA LEU D 86 33.12 9.12 43.72
C LEU D 86 32.46 10.31 44.39
N PRO D 87 33.02 11.52 44.24
CA PRO D 87 32.46 12.72 44.86
C PRO D 87 30.99 12.90 44.51
N LEU D 88 30.66 12.61 43.25
CA LEU D 88 29.30 12.75 42.76
C LEU D 88 28.34 11.89 43.57
N TYR D 89 28.74 10.63 43.81
CA TYR D 89 27.89 9.72 44.58
C TYR D 89 27.76 10.23 46.02
N GLN D 90 28.82 10.83 46.54
CA GLN D 90 28.80 11.38 47.89
C GLN D 90 27.78 12.49 47.97
N LYS D 91 27.82 13.39 46.99
CA LYS D 91 26.87 14.51 46.93
C LYS D 91 25.42 14.00 46.94
N TYR D 92 25.09 13.12 46.01
CA TYR D 92 23.74 12.57 45.92
C TYR D 92 23.35 11.72 47.12
N ALA D 93 24.34 11.12 47.79
CA ALA D 93 24.06 10.30 48.96
C ALA D 93 23.58 11.24 50.07
N GLU D 94 24.37 12.29 50.32
CA GLU D 94 24.05 13.29 51.34
C GLU D 94 22.71 13.92 50.98
N GLU D 95 22.41 13.95 49.68
CA GLU D 95 21.15 14.50 49.18
C GLU D 95 19.97 13.70 49.73
N LEU D 96 20.02 12.39 49.54
CA LEU D 96 18.95 11.50 50.01
C LEU D 96 18.79 11.66 51.50
N LEU D 97 19.92 11.84 52.18
CA LEU D 97 19.95 12.02 53.62
C LEU D 97 19.10 13.23 53.98
N LYS D 98 19.32 14.32 53.26
CA LYS D 98 18.57 15.55 53.49
C LYS D 98 17.10 15.43 53.09
N ARG D 99 16.82 14.60 52.09
CA ARG D 99 15.45 14.42 51.63
C ARG D 99 14.80 13.35 52.50
N GLY D 100 15.52 12.93 53.54
CA GLY D 100 15.01 11.94 54.46
C GLY D 100 14.77 10.55 53.88
N TRP D 101 15.35 10.28 52.70
CA TRP D 101 15.20 8.98 52.06
C TRP D 101 16.37 8.04 52.38
N ALA D 102 17.24 8.46 53.30
CA ALA D 102 18.39 7.67 53.70
C ALA D 102 18.84 8.06 55.11
N TYR D 103 19.50 7.14 55.79
CA TYR D 103 19.99 7.40 57.14
C TYR D 103 21.37 6.81 57.29
N ARG D 104 22.11 7.31 58.28
CA ARG D 104 23.46 6.82 58.53
C ARG D 104 23.48 5.74 59.61
N ALA D 105 24.08 4.61 59.29
CA ALA D 105 24.16 3.49 60.24
C ALA D 105 25.62 3.38 60.66
N PHE D 106 25.87 3.31 61.97
CA PHE D 106 27.23 3.22 62.47
C PHE D 106 27.69 1.84 62.95
N GLU D 107 26.84 0.83 62.82
CA GLU D 107 27.21 -0.52 63.26
C GLU D 107 28.42 -0.99 62.46
N THR D 108 29.35 -1.67 63.12
CA THR D 108 30.53 -2.18 62.45
C THR D 108 30.18 -3.52 61.82
N PRO D 109 30.99 -4.00 60.87
CA PRO D 109 30.72 -5.28 60.23
C PRO D 109 30.34 -6.35 61.25
N GLU D 110 31.13 -6.43 62.32
CA GLU D 110 30.88 -7.42 63.37
C GLU D 110 29.47 -7.26 63.95
N GLU D 111 29.15 -6.04 64.36
CA GLU D 111 27.85 -5.73 64.94
C GLU D 111 26.70 -6.11 64.01
N LEU D 112 26.91 -5.94 62.71
CA LEU D 112 25.90 -6.26 61.72
C LEU D 112 25.75 -7.77 61.52
N GLU D 113 26.86 -8.48 61.55
CA GLU D 113 26.80 -9.93 61.38
C GLU D 113 26.03 -10.48 62.56
N GLN D 114 26.14 -9.79 63.69
CA GLN D 114 25.45 -10.18 64.90
C GLN D 114 23.95 -10.13 64.70
N ILE D 115 23.43 -8.93 64.40
CA ILE D 115 22.01 -8.76 64.21
C ILE D 115 21.50 -9.61 63.04
N ARG D 116 22.40 -9.92 62.10
CA ARG D 116 22.02 -10.74 60.96
C ARG D 116 21.81 -12.16 61.46
N LYS D 117 22.45 -12.48 62.58
CA LYS D 117 22.34 -13.79 63.21
C LYS D 117 21.07 -13.85 64.04
N GLU D 118 20.84 -12.78 64.82
CA GLU D 118 19.68 -12.68 65.69
C GLU D 118 18.35 -12.67 64.94
N LYS D 119 18.16 -11.67 64.08
CA LYS D 119 16.92 -11.56 63.31
C LYS D 119 17.10 -11.72 61.81
N GLY D 120 18.32 -12.02 61.38
CA GLY D 120 18.58 -12.19 59.96
C GLY D 120 18.34 -10.90 59.19
N GLY D 121 19.37 -10.43 58.52
CA GLY D 121 19.24 -9.18 57.78
C GLY D 121 19.35 -8.03 58.76
N TYR D 122 19.31 -6.81 58.25
CA TYR D 122 19.41 -5.65 59.13
C TYR D 122 18.03 -5.24 59.60
N ASP D 123 17.91 -4.86 60.87
CA ASP D 123 16.63 -4.46 61.45
C ASP D 123 16.36 -2.97 61.32
N GLY D 124 17.32 -2.24 60.75
CA GLY D 124 17.17 -0.81 60.57
C GLY D 124 17.10 0.00 61.85
N ARG D 125 17.75 -0.51 62.90
CA ARG D 125 17.74 0.18 64.18
C ARG D 125 18.31 1.59 64.07
N ALA D 126 19.30 1.76 63.19
CA ALA D 126 19.94 3.06 62.99
C ALA D 126 18.93 4.15 62.66
N ARG D 127 17.73 3.73 62.25
CA ARG D 127 16.69 4.69 61.92
C ARG D 127 16.31 5.54 63.12
N ASN D 128 16.53 4.99 64.31
CA ASN D 128 16.19 5.69 65.54
C ASN D 128 17.12 6.84 65.91
N ILE D 129 18.40 6.69 65.60
CA ILE D 129 19.37 7.74 65.90
C ILE D 129 18.87 9.10 65.41
N PRO D 130 18.80 10.09 66.30
CA PRO D 130 18.34 11.43 65.90
C PRO D 130 19.19 12.01 64.79
N PRO D 131 18.54 12.55 63.74
CA PRO D 131 19.23 13.15 62.60
C PRO D 131 20.46 13.97 62.99
N GLU D 132 20.31 14.78 64.03
CA GLU D 132 21.42 15.63 64.50
C GLU D 132 22.56 14.83 65.11
N GLU D 133 22.22 13.81 65.91
CA GLU D 133 23.24 12.97 66.52
C GLU D 133 24.08 12.31 65.44
N ALA D 134 23.38 11.81 64.42
CA ALA D 134 24.04 11.16 63.30
C ALA D 134 25.09 12.10 62.76
N GLU D 135 24.63 13.23 62.21
CA GLU D 135 25.51 14.23 61.63
C GLU D 135 26.70 14.56 62.54
N GLU D 136 26.41 14.76 63.82
CA GLU D 136 27.45 15.06 64.80
C GLU D 136 28.49 13.96 64.81
N ARG D 137 28.04 12.73 64.99
CA ARG D 137 28.92 11.57 65.04
C ARG D 137 29.73 11.45 63.76
N ALA D 138 29.12 11.84 62.64
CA ALA D 138 29.79 11.80 61.34
C ALA D 138 30.83 12.90 61.28
N ARG D 139 30.45 14.09 61.75
CA ARG D 139 31.36 15.24 61.77
C ARG D 139 32.64 14.91 62.52
N ARG D 140 32.51 14.14 63.59
CA ARG D 140 33.68 13.75 64.38
C ARG D 140 34.52 12.74 63.62
N GLY D 141 34.00 12.28 62.49
CA GLY D 141 34.74 11.32 61.68
C GLY D 141 34.48 9.87 62.04
N GLU D 142 33.34 9.61 62.67
CA GLU D 142 33.00 8.25 63.04
C GLU D 142 32.62 7.42 61.83
N PRO D 143 33.14 6.18 61.73
CA PRO D 143 32.84 5.30 60.61
C PRO D 143 31.34 5.01 60.51
N HIS D 144 30.81 5.01 59.28
CA HIS D 144 29.40 4.74 59.07
C HIS D 144 29.06 4.60 57.58
N VAL D 145 27.87 4.08 57.31
CA VAL D 145 27.38 3.91 55.95
C VAL D 145 26.01 4.54 55.83
N ILE D 146 25.64 4.95 54.63
CA ILE D 146 24.33 5.54 54.41
C ILE D 146 23.49 4.46 53.76
N ARG D 147 22.32 4.20 54.35
CA ARG D 147 21.42 3.18 53.85
C ARG D 147 20.17 3.79 53.29
N LEU D 148 19.52 3.06 52.38
CA LEU D 148 18.27 3.51 51.79
C LEU D 148 17.24 3.39 52.89
N LYS D 149 16.38 4.39 53.02
CA LYS D 149 15.36 4.33 54.06
C LYS D 149 14.04 3.96 53.40
N VAL D 150 13.86 2.67 53.16
CA VAL D 150 12.65 2.17 52.53
C VAL D 150 11.40 2.45 53.35
N PRO D 151 10.32 2.90 52.69
CA PRO D 151 9.04 3.21 53.34
C PRO D 151 8.38 1.93 53.85
N ARG D 152 8.09 1.86 55.14
CA ARG D 152 7.44 0.68 55.71
C ARG D 152 6.25 1.09 56.57
N PRO D 153 5.08 0.45 56.36
CA PRO D 153 4.80 -0.62 55.41
C PRO D 153 4.75 -0.04 54.00
N GLY D 154 4.38 -0.87 53.02
CA GLY D 154 4.29 -0.37 51.67
C GLY D 154 4.69 -1.33 50.56
N THR D 155 4.33 -0.96 49.34
CA THR D 155 4.64 -1.77 48.16
C THR D 155 5.25 -0.91 47.07
N THR D 156 6.04 -1.55 46.21
CA THR D 156 6.72 -0.87 45.13
C THR D 156 6.45 -1.56 43.80
N GLU D 157 5.93 -0.78 42.85
CA GLU D 157 5.62 -1.31 41.53
C GLU D 157 6.80 -1.19 40.59
N VAL D 158 7.10 -2.28 39.92
CA VAL D 158 8.18 -2.30 38.96
C VAL D 158 7.60 -2.81 37.64
N LYS D 159 7.86 -2.08 36.57
CA LYS D 159 7.35 -2.47 35.27
C LYS D 159 8.47 -2.89 34.33
N ASP D 160 8.45 -4.16 33.96
CA ASP D 160 9.44 -4.68 33.04
C ASP D 160 8.73 -4.75 31.68
N GLU D 161 9.32 -4.12 30.69
CA GLU D 161 8.74 -4.09 29.35
C GLU D 161 8.43 -5.45 28.74
N LEU D 162 9.10 -6.50 29.20
CA LEU D 162 8.88 -7.83 28.66
C LEU D 162 8.02 -8.77 29.51
N ARG D 163 7.86 -8.45 30.79
CA ARG D 163 7.07 -9.32 31.66
C ARG D 163 5.78 -8.67 32.13
N GLY D 164 5.78 -7.36 32.24
CA GLY D 164 4.59 -6.69 32.71
C GLY D 164 4.84 -6.09 34.07
N VAL D 165 3.78 -5.64 34.72
CA VAL D 165 3.91 -5.02 36.03
C VAL D 165 4.07 -6.03 37.16
N VAL D 166 4.98 -5.74 38.07
CA VAL D 166 5.26 -6.59 39.22
C VAL D 166 5.15 -5.74 40.49
N VAL D 167 4.41 -6.22 41.47
CA VAL D 167 4.27 -5.45 42.71
C VAL D 167 5.00 -6.11 43.87
N TYR D 168 6.09 -5.48 44.29
CA TYR D 168 6.90 -5.98 45.39
C TYR D 168 6.43 -5.41 46.72
N ASP D 169 6.46 -6.24 47.76
CA ASP D 169 6.08 -5.78 49.09
C ASP D 169 7.37 -5.21 49.68
N ASN D 170 7.32 -3.97 50.16
CA ASN D 170 8.51 -3.33 50.72
C ASN D 170 9.19 -4.18 51.78
N GLN D 171 8.46 -5.15 52.32
CA GLN D 171 9.01 -6.05 53.33
C GLN D 171 10.14 -6.90 52.72
N GLU D 172 10.12 -7.05 51.40
CA GLU D 172 11.13 -7.83 50.70
C GLU D 172 12.27 -6.94 50.19
N ILE D 173 12.13 -5.64 50.35
CA ILE D 173 13.13 -4.69 49.89
C ILE D 173 13.94 -4.16 51.08
N PRO D 174 15.21 -4.57 51.19
CA PRO D 174 16.00 -4.09 52.32
C PRO D 174 16.48 -2.66 52.23
N ASP D 175 16.85 -2.12 53.38
CA ASP D 175 17.41 -0.77 53.46
C ASP D 175 18.85 -0.98 53.03
N VAL D 176 19.05 -1.29 51.75
CA VAL D 176 20.39 -1.54 51.22
C VAL D 176 21.36 -0.40 51.48
N VAL D 177 22.64 -0.76 51.59
CA VAL D 177 23.69 0.24 51.78
C VAL D 177 23.77 0.99 50.46
N LEU D 178 23.96 2.31 50.54
CA LEU D 178 24.08 3.13 49.35
C LEU D 178 25.52 3.60 49.26
N LEU D 179 26.02 4.12 50.37
CA LEU D 179 27.40 4.59 50.44
C LEU D 179 28.15 3.82 51.53
N LYS D 180 29.18 3.09 51.12
CA LYS D 180 29.96 2.31 52.07
C LYS D 180 30.83 3.21 52.96
N SER D 181 31.21 2.69 54.13
CA SER D 181 32.01 3.45 55.06
C SER D 181 33.37 3.94 54.51
N ASP D 182 33.75 3.45 53.34
CA ASP D 182 35.03 3.88 52.76
C ASP D 182 34.84 4.99 51.72
N GLY D 183 33.67 5.61 51.72
CA GLY D 183 33.40 6.67 50.77
C GLY D 183 32.97 6.18 49.40
N TYR D 184 33.02 4.87 49.19
CA TYR D 184 32.61 4.28 47.92
C TYR D 184 31.14 3.92 47.91
N PRO D 185 30.47 4.12 46.75
CA PRO D 185 29.05 3.82 46.60
C PRO D 185 28.84 2.35 46.32
N THR D 186 27.61 1.90 46.46
CA THR D 186 27.28 0.51 46.16
C THR D 186 26.71 0.57 44.77
N TYR D 187 26.59 -0.59 44.13
CA TYR D 187 26.05 -0.68 42.80
C TYR D 187 24.71 0.05 42.66
N HIS D 188 23.85 -0.11 43.67
CA HIS D 188 22.53 0.50 43.62
C HIS D 188 22.49 2.02 43.49
N LEU D 189 23.29 2.71 44.28
CA LEU D 189 23.32 4.17 44.24
C LEU D 189 23.96 4.64 42.94
N ALA D 190 25.13 4.09 42.65
CA ALA D 190 25.87 4.46 41.45
C ALA D 190 25.09 4.23 40.16
N ASN D 191 24.36 3.10 40.09
CA ASN D 191 23.60 2.76 38.89
C ASN D 191 22.54 3.80 38.54
N VAL D 192 21.71 4.14 39.51
CA VAL D 192 20.65 5.10 39.29
C VAL D 192 21.22 6.50 39.02
N VAL D 193 22.23 6.90 39.78
CA VAL D 193 22.84 8.21 39.61
C VAL D 193 23.45 8.37 38.21
N ASP D 194 24.13 7.33 37.74
CA ASP D 194 24.76 7.38 36.44
C ASP D 194 23.80 7.24 35.26
N ASP D 195 22.82 6.36 35.37
CA ASP D 195 21.86 6.22 34.27
C ASP D 195 21.12 7.54 34.08
N HIS D 196 20.73 8.17 35.18
CA HIS D 196 20.04 9.45 35.09
C HIS D 196 20.96 10.52 34.51
N LEU D 197 22.13 10.70 35.12
CA LEU D 197 23.08 11.69 34.66
C LEU D 197 23.58 11.50 33.22
N MET D 198 23.63 10.25 32.75
CA MET D 198 24.08 9.98 31.40
C MET D 198 22.91 9.93 30.40
N GLY D 199 21.70 10.25 30.88
CA GLY D 199 20.54 10.26 30.00
C GLY D 199 20.00 8.92 29.54
N VAL D 200 20.30 7.86 30.28
CA VAL D 200 19.83 6.51 29.94
C VAL D 200 18.30 6.41 29.98
N THR D 201 17.69 6.07 28.87
CA THR D 201 16.23 5.95 28.80
C THR D 201 15.78 4.50 28.75
N ASP D 202 16.66 3.60 28.31
CA ASP D 202 16.33 2.18 28.22
C ASP D 202 17.38 1.28 28.86
N VAL D 203 17.04 0.73 30.02
CA VAL D 203 17.94 -0.16 30.74
C VAL D 203 17.71 -1.59 30.32
N ILE D 204 18.69 -2.15 29.61
CA ILE D 204 18.62 -3.53 29.14
C ILE D 204 19.72 -4.32 29.85
N ARG D 205 19.32 -5.25 30.72
CA ARG D 205 20.29 -6.02 31.47
C ARG D 205 19.77 -7.44 31.77
N ALA D 206 20.66 -8.32 32.21
CA ALA D 206 20.28 -9.69 32.51
C ALA D 206 19.30 -9.82 33.69
N GLU D 207 18.47 -10.83 33.59
CA GLU D 207 17.44 -11.17 34.58
C GLU D 207 17.92 -11.10 36.03
N GLU D 208 19.19 -11.39 36.27
CA GLU D 208 19.67 -11.38 37.65
C GLU D 208 19.47 -10.05 38.38
N TRP D 209 19.22 -8.97 37.64
CA TRP D 209 19.03 -7.65 38.25
C TRP D 209 17.57 -7.26 38.50
N LEU D 210 16.65 -8.11 38.06
CA LEU D 210 15.23 -7.81 38.23
C LEU D 210 14.84 -7.54 39.67
N VAL D 211 15.23 -8.42 40.59
CA VAL D 211 14.88 -8.27 42.00
C VAL D 211 15.44 -6.99 42.61
N SER D 212 16.40 -6.37 41.94
CA SER D 212 17.00 -5.13 42.44
C SER D 212 16.31 -3.91 41.87
N THR D 213 15.59 -4.08 40.78
CA THR D 213 14.90 -2.96 40.16
C THR D 213 14.01 -2.20 41.16
N PRO D 214 13.34 -2.92 42.08
CA PRO D 214 12.48 -2.26 43.08
C PRO D 214 13.27 -1.20 43.84
N ILE D 215 14.49 -1.57 44.20
CA ILE D 215 15.39 -0.67 44.91
C ILE D 215 15.70 0.55 44.05
N HIS D 216 15.88 0.32 42.76
CA HIS D 216 16.18 1.40 41.83
C HIS D 216 14.97 2.31 41.63
N VAL D 217 13.80 1.70 41.52
CA VAL D 217 12.56 2.46 41.33
C VAL D 217 12.43 3.42 42.51
N LEU D 218 12.70 2.90 43.70
CA LEU D 218 12.62 3.69 44.92
C LEU D 218 13.60 4.85 44.82
N LEU D 219 14.86 4.55 44.52
CA LEU D 219 15.88 5.59 44.40
C LEU D 219 15.48 6.68 43.39
N TYR D 220 14.89 6.29 42.26
CA TYR D 220 14.45 7.28 41.27
C TYR D 220 13.38 8.18 41.91
N ARG D 221 12.51 7.59 42.72
CA ARG D 221 11.47 8.36 43.38
C ARG D 221 12.09 9.34 44.38
N ALA D 222 13.02 8.85 45.19
CA ALA D 222 13.69 9.67 46.20
C ALA D 222 14.33 10.93 45.60
N PHE D 223 15.02 10.78 44.47
CA PHE D 223 15.69 11.88 43.81
C PHE D 223 14.73 12.77 43.03
N GLY D 224 13.52 12.25 42.78
CA GLY D 224 12.54 13.00 42.03
C GLY D 224 12.79 12.92 40.54
N TRP D 225 13.36 11.80 40.09
CA TRP D 225 13.63 11.61 38.67
C TRP D 225 12.70 10.58 38.05
N GLU D 226 12.57 10.66 36.73
CA GLU D 226 11.75 9.74 35.96
C GLU D 226 12.55 8.46 35.74
N ALA D 227 11.93 7.32 36.00
CA ALA D 227 12.60 6.05 35.83
C ALA D 227 12.58 5.67 34.35
N PRO D 228 13.65 5.04 33.88
CA PRO D 228 13.75 4.62 32.48
C PRO D 228 12.94 3.34 32.27
N ARG D 229 12.86 2.88 31.04
CA ARG D 229 12.16 1.62 30.75
C ARG D 229 13.13 0.50 31.14
N PHE D 230 12.59 -0.63 31.58
CA PHE D 230 13.41 -1.78 31.97
C PHE D 230 13.11 -3.01 31.11
N TYR D 231 14.18 -3.60 30.58
CA TYR D 231 14.09 -4.80 29.76
C TYR D 231 15.10 -5.82 30.31
N HIS D 232 14.61 -6.81 31.05
CA HIS D 232 15.50 -7.80 31.61
C HIS D 232 15.58 -9.04 30.73
N MET D 233 16.79 -9.30 30.24
CA MET D 233 17.08 -10.41 29.35
C MET D 233 17.38 -11.71 30.08
N PRO D 234 17.26 -12.85 29.38
CA PRO D 234 17.53 -14.18 29.93
C PRO D 234 19.00 -14.32 30.32
N LEU D 235 19.28 -15.21 31.26
CA LEU D 235 20.65 -15.48 31.68
C LEU D 235 21.20 -16.71 30.93
N LEU D 236 22.30 -16.55 30.22
CA LEU D 236 22.92 -17.65 29.49
C LEU D 236 23.21 -18.75 30.51
N ARG D 237 23.05 -20.01 30.12
CA ARG D 237 23.27 -21.09 31.07
C ARG D 237 24.30 -22.15 30.65
N ASN D 238 24.83 -22.87 31.64
CA ASN D 238 25.78 -23.95 31.40
C ASN D 238 24.92 -25.11 30.89
N PRO D 239 25.55 -26.20 30.42
CA PRO D 239 24.67 -27.29 29.96
C PRO D 239 23.77 -27.86 31.07
N ASP D 240 24.15 -27.69 32.34
CA ASP D 240 23.33 -28.20 33.44
C ASP D 240 22.25 -27.19 33.90
N LYS D 241 22.05 -26.15 33.10
CA LYS D 241 21.07 -25.08 33.32
C LYS D 241 21.41 -23.99 34.37
N THR D 242 22.52 -24.12 35.08
CA THR D 242 22.89 -23.10 36.05
C THR D 242 23.40 -21.91 35.22
N LYS D 243 23.37 -20.70 35.76
CA LYS D 243 23.84 -19.57 34.96
C LYS D 243 25.28 -19.86 34.56
N ILE D 244 25.56 -19.67 33.27
CA ILE D 244 26.86 -19.93 32.69
C ILE D 244 28.03 -19.49 33.59
N SER D 245 28.96 -20.41 33.84
CA SER D 245 30.10 -20.14 34.70
C SER D 245 31.40 -20.67 34.10
N LYS D 246 32.52 -20.05 34.49
CA LYS D 246 33.85 -20.38 33.97
C LYS D 246 34.30 -21.81 34.19
N ARG D 247 33.71 -22.50 35.16
CA ARG D 247 34.12 -23.86 35.42
C ARG D 247 33.35 -24.86 34.55
N LYS D 248 32.08 -24.58 34.28
CA LYS D 248 31.26 -25.48 33.48
C LYS D 248 31.16 -25.18 31.98
N SER D 249 31.65 -24.01 31.59
CA SER D 249 31.62 -23.58 30.19
C SER D 249 32.73 -22.57 29.98
N HIS D 250 32.95 -22.18 28.72
CA HIS D 250 33.98 -21.19 28.45
C HIS D 250 33.24 -19.86 28.45
N THR D 251 33.51 -19.00 29.42
CA THR D 251 32.83 -17.71 29.49
C THR D 251 33.72 -16.57 29.02
N SER D 252 34.99 -16.86 28.77
CA SER D 252 35.94 -15.83 28.33
C SER D 252 35.94 -15.65 26.83
N LEU D 253 35.57 -14.45 26.38
CA LEU D 253 35.55 -14.15 24.96
C LEU D 253 36.92 -14.41 24.33
N ASP D 254 37.98 -14.27 25.12
CA ASP D 254 39.32 -14.50 24.61
C ASP D 254 39.54 -15.97 24.28
N TRP D 255 38.84 -16.85 24.98
CA TRP D 255 38.98 -18.27 24.71
C TRP D 255 38.43 -18.60 23.32
N TYR D 256 37.31 -17.98 22.97
CA TYR D 256 36.72 -18.22 21.66
C TYR D 256 37.66 -17.72 20.57
N LYS D 257 38.21 -16.53 20.76
CA LYS D 257 39.15 -16.01 19.78
C LYS D 257 40.34 -16.96 19.64
N ALA D 258 40.88 -17.41 20.77
CA ALA D 258 42.04 -18.30 20.76
C ALA D 258 41.75 -19.66 20.13
N GLU D 259 40.51 -20.11 20.21
CA GLU D 259 40.14 -21.41 19.68
C GLU D 259 39.74 -21.43 18.21
N GLY D 260 39.88 -20.29 17.56
CA GLY D 260 39.54 -20.24 16.15
C GLY D 260 38.10 -19.97 15.78
N PHE D 261 37.34 -19.36 16.68
CA PHE D 261 35.95 -19.02 16.37
C PHE D 261 35.91 -17.62 15.78
N LEU D 262 35.13 -17.44 14.72
CA LEU D 262 35.02 -16.15 14.07
C LEU D 262 34.14 -15.24 14.93
N PRO D 263 34.55 -13.97 15.08
CA PRO D 263 33.72 -13.07 15.89
C PRO D 263 32.33 -12.89 15.30
N GLU D 264 32.25 -12.89 13.97
CA GLU D 264 30.96 -12.74 13.31
C GLU D 264 30.02 -13.89 13.64
N ALA D 265 30.56 -15.12 13.66
CA ALA D 265 29.72 -16.30 13.97
C ALA D 265 29.23 -16.29 15.42
N LEU D 266 30.16 -16.01 16.34
CA LEU D 266 29.88 -15.96 17.78
C LEU D 266 28.78 -14.94 18.04
N ARG D 267 28.89 -13.80 17.37
CA ARG D 267 27.91 -12.73 17.51
C ARG D 267 26.57 -13.24 17.02
N ASN D 268 26.57 -13.88 15.86
CA ASN D 268 25.36 -14.43 15.25
C ASN D 268 24.73 -15.49 16.17
N TYR D 269 25.56 -16.33 16.79
CA TYR D 269 25.05 -17.36 17.69
C TYR D 269 24.41 -16.72 18.92
N LEU D 270 25.05 -15.67 19.43
CA LEU D 270 24.53 -14.95 20.58
C LEU D 270 23.16 -14.34 20.22
N CYS D 271 23.00 -13.92 18.97
CA CYS D 271 21.74 -13.35 18.53
C CYS D 271 20.60 -14.37 18.59
N LEU D 272 20.93 -15.65 18.48
CA LEU D 272 19.89 -16.66 18.52
C LEU D 272 19.53 -17.08 19.94
N MET D 273 20.25 -16.53 20.92
CA MET D 273 19.98 -16.81 22.33
C MET D 273 18.83 -15.90 22.77
N GLY D 274 17.63 -16.45 22.87
CA GLY D 274 16.50 -15.64 23.29
C GLY D 274 15.90 -14.72 22.24
N PHE D 275 16.29 -14.90 20.97
CA PHE D 275 15.74 -14.10 19.89
C PHE D 275 15.83 -14.86 18.57
N SER D 276 14.91 -14.57 17.67
CA SER D 276 14.88 -15.23 16.37
C SER D 276 14.35 -14.29 15.32
N MET D 277 14.71 -14.53 14.06
CA MET D 277 14.25 -13.71 12.95
C MET D 277 12.85 -14.17 12.58
N PRO D 278 12.02 -13.26 12.05
CA PRO D 278 10.66 -13.60 11.65
C PRO D 278 10.60 -14.72 10.63
N ASP D 279 11.35 -14.60 9.54
CA ASP D 279 11.35 -15.64 8.51
C ASP D 279 12.14 -16.88 8.93
N GLY D 280 12.65 -16.87 10.17
CA GLY D 280 13.38 -18.02 10.66
C GLY D 280 14.80 -18.27 10.22
N ARG D 281 15.40 -17.37 9.44
CA ARG D 281 16.78 -17.60 9.00
C ARG D 281 17.71 -17.56 10.20
N GLU D 282 18.81 -18.31 10.13
CA GLU D 282 19.74 -18.36 11.25
C GLU D 282 21.05 -17.61 11.00
N ILE D 283 21.42 -17.47 9.74
CA ILE D 283 22.65 -16.77 9.39
C ILE D 283 22.32 -15.37 8.89
N PHE D 284 22.82 -14.37 9.57
CA PHE D 284 22.56 -12.98 9.18
C PHE D 284 23.63 -12.07 9.76
N THR D 285 23.76 -10.88 9.18
CA THR D 285 24.76 -9.92 9.62
C THR D 285 24.28 -9.15 10.84
N LEU D 286 25.20 -8.42 11.46
CA LEU D 286 24.87 -7.60 12.60
C LEU D 286 23.86 -6.53 12.15
N GLU D 287 24.04 -6.01 10.93
CA GLU D 287 23.14 -4.98 10.41
C GLU D 287 21.73 -5.53 10.22
N GLU D 288 21.64 -6.79 9.77
CA GLU D 288 20.33 -7.39 9.57
C GLU D 288 19.64 -7.58 10.90
N PHE D 289 20.43 -7.88 11.93
CA PHE D 289 19.93 -8.09 13.28
C PHE D 289 19.26 -6.84 13.83
N ILE D 290 19.97 -5.71 13.78
CA ILE D 290 19.40 -4.49 14.30
C ILE D 290 18.19 -4.02 13.49
N GLN D 291 18.21 -4.25 12.18
CA GLN D 291 17.08 -3.85 11.34
C GLN D 291 15.85 -4.71 11.59
N ALA D 292 16.06 -5.96 11.96
CA ALA D 292 14.93 -6.84 12.22
C ALA D 292 14.60 -6.92 13.70
N PHE D 293 15.42 -6.32 14.54
CA PHE D 293 15.16 -6.40 15.98
C PHE D 293 13.84 -5.81 16.46
N THR D 294 13.20 -6.52 17.38
CA THR D 294 11.92 -6.10 17.95
C THR D 294 11.72 -6.91 19.24
N TRP D 295 11.23 -6.27 20.28
CA TRP D 295 11.00 -6.97 21.55
C TRP D 295 9.99 -8.11 21.42
N GLU D 296 9.18 -8.08 20.36
CA GLU D 296 8.18 -9.12 20.14
C GLU D 296 8.85 -10.46 19.87
N ARG D 297 10.06 -10.41 19.29
CA ARG D 297 10.79 -11.61 18.92
C ARG D 297 11.72 -12.15 20.01
N VAL D 298 11.66 -11.56 21.20
CA VAL D 298 12.51 -12.01 22.29
C VAL D 298 11.81 -13.05 23.15
N SER D 299 12.45 -14.20 23.38
CA SER D 299 11.86 -15.24 24.22
C SER D 299 12.63 -15.27 25.54
N LEU D 300 11.88 -15.31 26.64
CA LEU D 300 12.43 -15.27 27.99
C LEU D 300 13.01 -16.51 28.67
N GLY D 301 12.96 -17.67 28.04
CA GLY D 301 13.54 -18.82 28.71
C GLY D 301 15.07 -18.74 28.75
N GLY D 302 15.68 -19.20 29.83
CA GLY D 302 17.14 -19.20 29.98
C GLY D 302 17.85 -20.17 29.04
N PRO D 303 18.45 -19.69 27.96
CA PRO D 303 19.14 -20.54 26.99
C PRO D 303 20.48 -21.18 27.40
N VAL D 304 20.62 -22.45 27.03
CA VAL D 304 21.85 -23.18 27.29
C VAL D 304 22.80 -22.84 26.13
N PHE D 305 24.00 -22.39 26.45
CA PHE D 305 24.97 -22.07 25.41
C PHE D 305 25.50 -23.41 24.90
N ASP D 306 25.31 -23.66 23.61
CA ASP D 306 25.71 -24.92 22.98
C ASP D 306 26.92 -24.83 22.03
N LEU D 307 28.09 -25.16 22.55
CA LEU D 307 29.33 -25.14 21.79
C LEU D 307 29.19 -25.86 20.45
N GLU D 308 28.45 -26.96 20.45
CA GLU D 308 28.26 -27.74 19.24
C GLU D 308 27.53 -26.97 18.15
N LYS D 309 26.48 -26.24 18.53
CA LYS D 309 25.74 -25.45 17.55
C LYS D 309 26.60 -24.24 17.11
N LEU D 310 27.38 -23.68 18.05
CA LEU D 310 28.24 -22.55 17.74
C LEU D 310 29.24 -23.01 16.70
N ARG D 311 29.87 -24.16 16.96
CA ARG D 311 30.85 -24.71 16.01
C ARG D 311 30.21 -24.95 14.64
N TRP D 312 28.96 -25.42 14.63
CA TRP D 312 28.29 -25.63 13.35
C TRP D 312 28.18 -24.30 12.63
N MET D 313 27.80 -23.29 13.39
CA MET D 313 27.63 -21.97 12.81
C MET D 313 28.96 -21.44 12.32
N ASN D 314 30.01 -21.68 13.10
CA ASN D 314 31.33 -21.19 12.72
C ASN D 314 31.71 -21.77 11.37
N GLY D 315 31.45 -23.07 11.19
CA GLY D 315 31.75 -23.73 9.93
C GLY D 315 30.86 -23.21 8.80
N LYS D 316 29.63 -22.87 9.15
CA LYS D 316 28.68 -22.32 8.18
C LYS D 316 29.25 -21.00 7.61
N TYR D 317 29.80 -20.17 8.49
CA TYR D 317 30.39 -18.90 8.08
C TYR D 317 31.61 -19.12 7.20
N ILE D 318 32.48 -20.03 7.65
CA ILE D 318 33.70 -20.36 6.92
C ILE D 318 33.43 -20.78 5.49
N ARG D 319 32.34 -21.49 5.25
CA ARG D 319 32.09 -21.90 3.89
C ARG D 319 31.03 -21.14 3.10
N GLU D 320 30.25 -20.30 3.77
CA GLU D 320 29.20 -19.58 3.06
C GLU D 320 29.17 -18.07 3.20
N VAL D 321 29.75 -17.54 4.27
CA VAL D 321 29.69 -16.11 4.45
C VAL D 321 30.96 -15.40 4.04
N LEU D 322 32.09 -15.87 4.55
CA LEU D 322 33.36 -15.25 4.20
C LEU D 322 33.80 -15.74 2.83
N SER D 323 34.72 -15.00 2.21
CA SER D 323 35.24 -15.40 0.92
C SER D 323 36.44 -16.31 1.17
N LEU D 324 36.85 -17.02 0.14
CA LEU D 324 37.99 -17.93 0.22
C LEU D 324 39.18 -17.13 0.74
N GLU D 325 39.36 -15.93 0.18
CA GLU D 325 40.46 -15.05 0.57
C GLU D 325 40.46 -14.66 2.03
N GLU D 326 39.30 -14.29 2.57
CA GLU D 326 39.26 -13.91 3.97
C GLU D 326 39.50 -15.10 4.88
N VAL D 327 39.00 -16.27 4.50
CA VAL D 327 39.25 -17.45 5.30
C VAL D 327 40.75 -17.73 5.28
N ALA D 328 41.38 -17.52 4.13
CA ALA D 328 42.81 -17.74 3.95
C ALA D 328 43.67 -16.84 4.82
N GLU D 329 43.22 -15.60 5.03
CA GLU D 329 43.96 -14.66 5.86
C GLU D 329 43.77 -15.02 7.34
N ARG D 330 42.55 -15.33 7.70
CA ARG D 330 42.23 -15.65 9.08
C ARG D 330 42.90 -16.91 9.58
N VAL D 331 43.27 -17.79 8.66
CA VAL D 331 43.92 -19.03 9.00
C VAL D 331 45.41 -18.84 9.37
N LYS D 332 46.03 -17.83 8.77
CA LYS D 332 47.46 -17.56 8.98
C LYS D 332 47.99 -17.57 10.41
N PRO D 333 47.38 -16.80 11.30
CA PRO D 333 47.90 -16.81 12.67
C PRO D 333 47.87 -18.18 13.34
N PHE D 334 46.97 -19.05 12.88
CA PHE D 334 46.83 -20.39 13.44
C PHE D 334 47.86 -21.37 12.89
N LEU D 335 48.31 -21.14 11.67
CA LEU D 335 49.33 -21.98 11.06
C LEU D 335 50.64 -21.59 11.74
N ARG D 336 50.83 -20.29 11.93
CA ARG D 336 52.04 -19.77 12.57
C ARG D 336 52.15 -20.31 14.00
N GLU D 337 51.01 -20.38 14.68
CA GLU D 337 50.94 -20.89 16.05
C GLU D 337 51.29 -22.38 16.07
N ALA D 338 50.98 -23.07 14.97
CA ALA D 338 51.24 -24.50 14.86
C ALA D 338 52.67 -24.78 14.38
N GLY D 339 53.42 -23.72 14.07
CA GLY D 339 54.78 -23.90 13.59
C GLY D 339 54.86 -24.31 12.14
N LEU D 340 53.76 -24.14 11.42
CA LEU D 340 53.71 -24.49 10.00
C LEU D 340 53.79 -23.23 9.15
N SER D 341 54.36 -23.36 7.96
CA SER D 341 54.43 -22.21 7.06
C SER D 341 53.85 -22.65 5.71
N TRP D 342 53.61 -21.68 4.84
CA TRP D 342 53.07 -21.96 3.51
C TRP D 342 54.01 -21.38 2.45
N GLU D 343 54.24 -22.13 1.36
CA GLU D 343 55.17 -21.67 0.34
C GLU D 343 54.80 -20.36 -0.35
N SER D 344 53.51 -20.11 -0.53
CA SER D 344 53.05 -18.89 -1.19
C SER D 344 51.58 -18.59 -0.88
N GLU D 345 51.10 -17.46 -1.38
CA GLU D 345 49.71 -17.08 -1.18
C GLU D 345 48.84 -17.97 -2.03
N ALA D 346 49.28 -18.24 -3.26
CA ALA D 346 48.53 -19.08 -4.16
C ALA D 346 48.36 -20.48 -3.57
N TYR D 347 49.44 -21.02 -3.00
CA TYR D 347 49.40 -22.36 -2.42
C TYR D 347 48.40 -22.37 -1.28
N LEU D 348 48.58 -21.46 -0.33
CA LEU D 348 47.71 -21.38 0.83
C LEU D 348 46.24 -21.31 0.45
N ARG D 349 45.91 -20.41 -0.48
CA ARG D 349 44.54 -20.23 -0.92
C ARG D 349 43.97 -21.55 -1.45
N ARG D 350 44.77 -22.28 -2.22
CA ARG D 350 44.34 -23.56 -2.77
C ARG D 350 44.17 -24.62 -1.68
N ALA D 351 45.05 -24.61 -0.69
CA ALA D 351 44.95 -25.58 0.40
C ALA D 351 43.69 -25.26 1.19
N VAL D 352 43.48 -23.97 1.43
CA VAL D 352 42.30 -23.54 2.17
C VAL D 352 41.04 -23.91 1.39
N GLU D 353 41.08 -23.80 0.07
CA GLU D 353 39.92 -24.13 -0.75
C GLU D 353 39.52 -25.61 -0.67
N LEU D 354 40.48 -26.51 -0.81
CA LEU D 354 40.23 -27.94 -0.74
C LEU D 354 39.71 -28.37 0.64
N MET D 355 40.08 -27.60 1.64
CA MET D 355 39.73 -27.86 3.03
C MET D 355 38.52 -27.11 3.62
N ARG D 356 37.98 -26.12 2.90
CA ARG D 356 36.85 -25.34 3.42
C ARG D 356 35.65 -26.12 3.98
N PRO D 357 35.23 -27.20 3.29
CA PRO D 357 34.07 -27.89 3.88
C PRO D 357 34.48 -28.93 4.91
N ARG D 358 35.74 -28.87 5.34
CA ARG D 358 36.27 -29.84 6.27
C ARG D 358 36.78 -29.37 7.64
N PHE D 359 36.51 -28.13 8.01
CA PHE D 359 36.91 -27.66 9.34
C PHE D 359 35.92 -26.60 9.81
N ASP D 360 35.57 -26.63 11.09
CA ASP D 360 34.61 -25.68 11.66
C ASP D 360 35.23 -24.55 12.48
N THR D 361 36.51 -24.66 12.79
CA THR D 361 37.20 -23.61 13.52
C THR D 361 38.53 -23.39 12.82
N LEU D 362 39.07 -22.18 12.91
CA LEU D 362 40.35 -21.86 12.26
C LEU D 362 41.47 -22.74 12.81
N LYS D 363 41.29 -23.19 14.05
CA LYS D 363 42.29 -24.01 14.71
C LYS D 363 42.36 -25.42 14.11
N GLU D 364 41.23 -25.90 13.60
CA GLU D 364 41.18 -27.23 13.00
C GLU D 364 41.94 -27.30 11.68
N PHE D 365 42.04 -26.17 10.98
CA PHE D 365 42.71 -26.18 9.69
C PHE D 365 44.14 -26.73 9.70
N PRO D 366 45.01 -26.19 10.57
CA PRO D 366 46.40 -26.66 10.63
C PRO D 366 46.46 -28.09 11.13
N GLU D 367 45.44 -28.49 11.88
CA GLU D 367 45.35 -29.83 12.43
C GLU D 367 44.96 -30.86 11.38
N LYS D 368 43.87 -30.56 10.67
CA LYS D 368 43.33 -31.47 9.67
C LYS D 368 44.04 -31.47 8.31
N ALA D 369 44.80 -30.41 8.03
CA ALA D 369 45.52 -30.33 6.77
C ALA D 369 47.01 -30.20 6.98
N ARG D 370 47.49 -30.70 8.10
CA ARG D 370 48.91 -30.62 8.42
C ARG D 370 49.83 -31.18 7.33
N TYR D 371 49.43 -32.31 6.73
CA TYR D 371 50.21 -32.95 5.70
C TYR D 371 50.41 -32.11 4.44
N LEU D 372 49.64 -31.03 4.31
CA LEU D 372 49.77 -30.13 3.16
C LEU D 372 50.83 -29.04 3.38
N PHE D 373 51.32 -28.90 4.60
CA PHE D 373 52.30 -27.87 4.92
C PHE D 373 53.61 -28.39 5.47
N THR D 374 53.61 -29.63 5.91
CA THR D 374 54.82 -30.18 6.48
C THR D 374 55.00 -31.65 6.16
N GLU D 375 56.24 -32.10 6.27
CA GLU D 375 56.54 -33.49 6.04
C GLU D 375 56.31 -34.20 7.38
N ASP D 376 56.20 -33.40 8.44
CA ASP D 376 55.98 -33.90 9.79
C ASP D 376 54.48 -34.09 10.11
N TYR D 377 53.89 -35.13 9.54
CA TYR D 377 52.47 -35.40 9.76
C TYR D 377 52.19 -36.83 10.24
N PRO D 378 51.12 -37.00 11.03
CA PRO D 378 50.76 -38.33 11.55
C PRO D 378 50.23 -39.27 10.47
N VAL D 379 50.37 -40.57 10.72
CA VAL D 379 49.89 -41.60 9.80
C VAL D 379 48.90 -42.50 10.55
N SER D 380 47.61 -42.40 10.23
CA SER D 380 46.64 -43.21 10.93
C SER D 380 46.85 -44.70 10.66
N GLU D 381 46.44 -45.51 11.63
CA GLU D 381 46.58 -46.95 11.55
C GLU D 381 45.81 -47.49 10.34
N LYS D 382 44.60 -47.00 10.15
CA LYS D 382 43.77 -47.42 9.03
C LYS D 382 44.42 -47.08 7.69
N ALA D 383 45.05 -45.91 7.61
CA ALA D 383 45.70 -45.49 6.38
C ALA D 383 46.93 -46.35 6.15
N GLN D 384 47.55 -46.80 7.23
CA GLN D 384 48.74 -47.65 7.15
C GLN D 384 48.38 -49.00 6.54
N ARG D 385 47.30 -49.61 7.04
CA ARG D 385 46.86 -50.91 6.54
C ARG D 385 46.49 -50.80 5.07
N LYS D 386 45.81 -49.71 4.71
CA LYS D 386 45.39 -49.50 3.33
C LYS D 386 46.60 -49.31 2.44
N LEU D 387 47.65 -48.70 3.00
CA LEU D 387 48.88 -48.47 2.26
C LEU D 387 49.56 -49.79 1.92
N GLU D 388 49.70 -50.66 2.92
CA GLU D 388 50.33 -51.96 2.72
C GLU D 388 49.49 -52.86 1.82
N GLU D 389 48.19 -52.93 2.10
CA GLU D 389 47.29 -53.76 1.31
C GLU D 389 47.39 -53.39 -0.19
N GLY D 390 47.68 -52.12 -0.47
CA GLY D 390 47.77 -51.67 -1.84
C GLY D 390 49.18 -51.37 -2.33
N LEU D 391 50.17 -51.72 -1.52
CA LEU D 391 51.57 -51.49 -1.82
C LEU D 391 52.03 -52.04 -3.17
N PRO D 392 51.54 -53.22 -3.58
CA PRO D 392 51.96 -53.77 -4.87
C PRO D 392 51.38 -52.99 -6.05
N LEU D 393 50.11 -52.60 -5.92
CA LEU D 393 49.44 -51.84 -6.98
C LEU D 393 50.14 -50.50 -7.21
N LEU D 394 50.55 -49.86 -6.12
CA LEU D 394 51.23 -48.57 -6.17
C LEU D 394 52.55 -48.66 -6.91
N LYS D 395 53.33 -49.70 -6.61
CA LYS D 395 54.61 -49.86 -7.26
C LYS D 395 54.45 -50.01 -8.78
N GLU D 396 53.32 -50.52 -9.23
CA GLU D 396 53.09 -50.65 -10.66
C GLU D 396 52.62 -49.31 -11.20
N LEU D 397 52.06 -48.50 -10.31
CA LEU D 397 51.58 -47.18 -10.69
C LEU D 397 52.71 -46.15 -10.70
N TYR D 398 53.68 -46.33 -9.81
CA TYR D 398 54.79 -45.39 -9.71
C TYR D 398 55.46 -44.98 -11.02
N PRO D 399 55.96 -45.95 -11.81
CA PRO D 399 56.62 -45.60 -13.08
C PRO D 399 55.76 -44.75 -14.00
N ARG D 400 54.46 -45.03 -14.00
CA ARG D 400 53.54 -44.27 -14.84
C ARG D 400 53.45 -42.83 -14.36
N LEU D 401 53.52 -42.64 -13.05
CA LEU D 401 53.48 -41.29 -12.51
C LEU D 401 54.81 -40.64 -12.82
N ARG D 402 55.89 -41.39 -12.64
CA ARG D 402 57.22 -40.84 -12.91
C ARG D 402 57.38 -40.44 -14.38
N ALA D 403 56.57 -41.02 -15.26
CA ALA D 403 56.66 -40.70 -16.67
C ALA D 403 55.59 -39.72 -17.12
N GLN D 404 54.64 -39.42 -16.23
CA GLN D 404 53.56 -38.48 -16.54
C GLN D 404 54.08 -37.07 -16.74
N GLU D 405 53.85 -36.51 -17.93
CA GLU D 405 54.31 -35.18 -18.26
C GLU D 405 53.31 -34.08 -17.89
N GLU D 406 52.03 -34.30 -18.21
CA GLU D 406 50.98 -33.34 -17.91
C GLU D 406 50.47 -33.57 -16.48
N TRP D 407 51.06 -32.89 -15.50
CA TRP D 407 50.66 -33.07 -14.12
C TRP D 407 49.54 -32.17 -13.66
N THR D 408 48.33 -32.46 -14.16
CA THR D 408 47.14 -31.69 -13.83
C THR D 408 46.05 -32.63 -13.36
N GLU D 409 45.04 -32.08 -12.71
CA GLU D 409 43.94 -32.88 -12.19
C GLU D 409 43.26 -33.71 -13.27
N ALA D 410 42.99 -33.11 -14.43
CA ALA D 410 42.33 -33.81 -15.53
C ALA D 410 43.18 -34.96 -16.07
N ALA D 411 44.45 -34.68 -16.34
CA ALA D 411 45.36 -35.69 -16.87
C ALA D 411 45.61 -36.80 -15.85
N LEU D 412 45.74 -36.44 -14.59
CA LEU D 412 45.98 -37.42 -13.54
C LEU D 412 44.76 -38.32 -13.33
N GLU D 413 43.56 -37.78 -13.53
CA GLU D 413 42.36 -38.60 -13.35
C GLU D 413 42.28 -39.59 -14.51
N ALA D 414 42.45 -39.10 -15.73
CA ALA D 414 42.43 -39.95 -16.91
C ALA D 414 43.44 -41.10 -16.74
N LEU D 415 44.64 -40.76 -16.24
CA LEU D 415 45.70 -41.73 -16.03
C LEU D 415 45.37 -42.77 -14.96
N LEU D 416 44.78 -42.33 -13.86
CA LEU D 416 44.45 -43.22 -12.75
C LEU D 416 43.26 -44.12 -13.04
N ARG D 417 42.26 -43.58 -13.72
CA ARG D 417 41.11 -44.40 -14.07
C ARG D 417 41.57 -45.42 -15.11
N GLY D 418 42.38 -44.96 -16.06
CA GLY D 418 42.88 -45.87 -17.08
C GLY D 418 43.65 -47.01 -16.45
N PHE D 419 44.50 -46.68 -15.49
CA PHE D 419 45.29 -47.67 -14.79
C PHE D 419 44.40 -48.63 -14.01
N ALA D 420 43.36 -48.09 -13.39
CA ALA D 420 42.44 -48.93 -12.64
C ALA D 420 41.85 -49.97 -13.59
N ALA D 421 41.41 -49.49 -14.75
CA ALA D 421 40.81 -50.35 -15.77
C ALA D 421 41.80 -51.43 -16.19
N GLU D 422 42.95 -51.01 -16.69
CA GLU D 422 43.99 -51.92 -17.13
C GLU D 422 44.23 -53.03 -16.10
N LYS D 423 44.35 -52.63 -14.84
CA LYS D 423 44.59 -53.58 -13.76
C LYS D 423 43.29 -54.27 -13.37
N GLY D 424 42.21 -53.93 -14.06
CA GLY D 424 40.91 -54.52 -13.78
C GLY D 424 40.57 -54.47 -12.29
N VAL D 425 40.38 -53.26 -11.78
CA VAL D 425 40.08 -53.06 -10.37
C VAL D 425 39.36 -51.72 -10.25
N LYS D 426 38.66 -51.49 -9.14
CA LYS D 426 37.93 -50.23 -8.92
C LYS D 426 38.89 -49.07 -8.59
N LEU D 427 38.61 -47.88 -9.15
CA LEU D 427 39.46 -46.72 -8.88
C LEU D 427 39.85 -46.60 -7.42
N GLY D 428 38.85 -46.67 -6.54
CA GLY D 428 39.08 -46.57 -5.11
C GLY D 428 40.17 -47.48 -4.59
N GLN D 429 40.40 -48.58 -5.29
CA GLN D 429 41.43 -49.51 -4.88
C GLN D 429 42.81 -48.95 -5.17
N VAL D 430 42.88 -48.00 -6.08
CA VAL D 430 44.16 -47.37 -6.41
C VAL D 430 44.22 -46.03 -5.68
N ALA D 431 43.10 -45.33 -5.68
CA ALA D 431 42.98 -44.02 -5.05
C ALA D 431 43.19 -44.03 -3.54
N GLN D 432 42.56 -44.99 -2.85
CA GLN D 432 42.67 -45.06 -1.40
C GLN D 432 44.09 -45.23 -0.88
N PRO D 433 44.82 -46.26 -1.35
CA PRO D 433 46.19 -46.42 -0.86
C PRO D 433 47.09 -45.25 -1.27
N LEU D 434 46.80 -44.66 -2.43
CA LEU D 434 47.57 -43.52 -2.90
C LEU D 434 47.34 -42.33 -1.98
N ARG D 435 46.11 -42.20 -1.50
CA ARG D 435 45.74 -41.12 -0.58
C ARG D 435 46.54 -41.30 0.72
N ALA D 436 46.54 -42.52 1.24
CA ALA D 436 47.27 -42.84 2.46
C ALA D 436 48.76 -42.52 2.32
N ALA D 437 49.32 -42.79 1.15
CA ALA D 437 50.72 -42.55 0.90
C ALA D 437 51.05 -41.06 0.81
N LEU D 438 50.14 -40.29 0.24
CA LEU D 438 50.36 -38.85 0.09
C LEU D 438 49.98 -38.03 1.32
N THR D 439 49.09 -38.55 2.15
CA THR D 439 48.62 -37.78 3.30
C THR D 439 48.71 -38.42 4.69
N GLY D 440 48.94 -39.72 4.76
CA GLY D 440 49.00 -40.37 6.06
C GLY D 440 47.59 -40.47 6.63
N SER D 441 46.60 -40.22 5.75
CA SER D 441 45.20 -40.24 6.15
C SER D 441 44.25 -40.80 5.07
N LEU D 442 43.08 -41.24 5.50
CA LEU D 442 42.08 -41.77 4.59
C LEU D 442 40.87 -40.84 4.52
N GLU D 443 40.98 -39.69 5.19
CA GLU D 443 39.90 -38.69 5.22
C GLU D 443 40.51 -37.38 4.73
N THR D 444 40.30 -37.08 3.44
CA THR D 444 40.91 -35.90 2.84
C THR D 444 40.09 -35.36 1.67
N PRO D 445 40.56 -34.29 1.02
CA PRO D 445 39.73 -33.84 -0.11
C PRO D 445 39.99 -34.79 -1.30
N GLY D 446 39.45 -34.46 -2.46
CA GLY D 446 39.63 -35.30 -3.64
C GLY D 446 41.08 -35.69 -3.93
N LEU D 447 41.27 -36.89 -4.48
CA LEU D 447 42.61 -37.37 -4.80
C LEU D 447 43.33 -36.62 -5.93
N PHE D 448 42.61 -36.38 -7.02
CA PHE D 448 43.21 -35.72 -8.17
C PHE D 448 43.71 -34.32 -7.86
N GLU D 449 42.98 -33.58 -7.04
CA GLU D 449 43.39 -32.23 -6.68
C GLU D 449 44.47 -32.27 -5.59
N ILE D 450 44.44 -33.32 -4.78
CA ILE D 450 45.43 -33.50 -3.72
C ILE D 450 46.77 -33.92 -4.33
N LEU D 451 46.69 -34.72 -5.40
CA LEU D 451 47.87 -35.21 -6.07
C LEU D 451 48.51 -34.11 -6.92
N ALA D 452 47.68 -33.22 -7.45
CA ALA D 452 48.16 -32.13 -8.29
C ALA D 452 48.75 -30.94 -7.55
N LEU D 453 48.13 -30.57 -6.43
CA LEU D 453 48.58 -29.40 -5.66
C LEU D 453 50.08 -29.24 -5.43
N LEU D 454 50.71 -30.25 -4.84
CA LEU D 454 52.14 -30.19 -4.53
C LEU D 454 53.13 -30.31 -5.70
N GLY D 455 52.66 -30.71 -6.87
CA GLY D 455 53.58 -30.85 -7.99
C GLY D 455 54.09 -32.27 -8.13
N LYS D 456 54.51 -32.65 -9.33
CA LYS D 456 55.00 -34.00 -9.60
C LYS D 456 56.15 -34.49 -8.71
N GLU D 457 57.24 -33.73 -8.66
CA GLU D 457 58.39 -34.12 -7.86
C GLU D 457 58.05 -34.32 -6.39
N ARG D 458 57.39 -33.34 -5.80
CA ARG D 458 57.02 -33.42 -4.40
C ARG D 458 56.13 -34.63 -4.15
N ALA D 459 55.20 -34.88 -5.08
CA ALA D 459 54.30 -36.02 -4.97
C ALA D 459 55.10 -37.33 -5.05
N LEU D 460 56.04 -37.40 -5.99
CA LEU D 460 56.84 -38.61 -6.14
C LEU D 460 57.69 -38.86 -4.89
N ARG D 461 58.30 -37.82 -4.34
CA ARG D 461 59.13 -37.99 -3.15
C ARG D 461 58.36 -38.65 -2.02
N ARG D 462 57.11 -38.25 -1.81
CA ARG D 462 56.32 -38.87 -0.76
C ARG D 462 55.99 -40.31 -1.14
N LEU D 463 55.57 -40.50 -2.39
CA LEU D 463 55.21 -41.83 -2.85
C LEU D 463 56.38 -42.77 -2.63
N GLU D 464 57.59 -42.31 -2.96
CA GLU D 464 58.77 -43.14 -2.78
C GLU D 464 58.97 -43.49 -1.31
N ARG D 465 58.79 -42.52 -0.42
CA ARG D 465 58.92 -42.79 1.00
C ARG D 465 57.89 -43.84 1.42
N ALA D 466 56.67 -43.69 0.91
CA ALA D 466 55.60 -44.62 1.24
C ALA D 466 55.99 -46.03 0.84
N LEU D 467 56.51 -46.17 -0.38
CA LEU D 467 56.90 -47.48 -0.89
C LEU D 467 58.30 -47.87 -0.41
N ALA D 468 58.92 -47.02 0.38
CA ALA D 468 60.27 -47.28 0.88
C ALA D 468 60.39 -48.71 1.40
MG MG E . -57.46 -3.27 -34.67
MG MG F . 7.38 -34.73 15.63
N GOM G . -34.40 23.28 -11.05
C GOM G . -35.60 21.64 -12.46
CA GOM G . -35.72 22.78 -11.42
CB GOM G . -36.57 23.91 -11.99
CG GOM G . -37.96 23.49 -12.43
CD GOM G . -38.79 24.65 -12.90
OE1 GOM G . -39.31 25.43 -12.07
OE2 GOM G . -38.93 24.79 -14.13
P GOM G . -34.08 19.58 -13.07
OP1 GOM G . -32.78 19.90 -13.69
OP2 GOM G . -34.23 18.33 -12.27
OP3 GOM G . -34.48 20.82 -12.15
O5' GOM G . -35.20 19.54 -14.20
C5' GOM G . -35.04 20.24 -15.43
C4' GOM G . -36.34 20.22 -16.23
O4' GOM G . -36.61 18.85 -16.67
C1' GOM G . -37.77 18.36 -16.03
N9 GOM G . -37.62 16.94 -15.70
C4 GOM G . -38.30 15.94 -16.37
N3 GOM G . -39.12 16.09 -17.43
C2 GOM G . -39.62 14.92 -17.79
N1 GOM G . -39.41 13.71 -17.26
C6 GOM G . -38.57 13.60 -16.21
N6 GOM G . -38.36 12.38 -15.69
C5 GOM G . -37.97 14.76 -15.72
N7 GOM G . -37.09 15.00 -14.68
C8 GOM G . -36.91 16.30 -14.72
C2' GOM G . -38.22 19.32 -14.93
O2' GOM G . -39.63 19.43 -14.96
C3' GOM G . -37.54 20.62 -15.35
O3' GOM G . -38.36 21.69 -15.82
N GOM H . 27.93 -3.88 36.41
C GOM H . 26.74 -5.74 35.34
CA GOM H . 26.64 -4.58 36.32
CB GOM H . 25.55 -3.60 35.88
CG GOM H . 24.16 -4.22 35.80
CD GOM H . 23.14 -3.25 35.24
OE1 GOM H . 22.59 -2.42 35.99
OE2 GOM H . 22.91 -3.31 34.02
P GOM H . 28.58 -7.53 34.72
OP1 GOM H . 29.97 -7.40 34.23
OP2 GOM H . 28.28 -8.43 35.87
OP3 GOM H . 28.11 -6.04 35.10
O5' GOM H . 27.62 -7.94 33.51
C5' GOM H . 27.53 -7.14 32.35
C4' GOM H . 26.18 -7.34 31.67
O4' GOM H . 26.08 -8.74 31.26
C1' GOM H . 25.06 -9.39 32.00
N9 GOM H . 25.47 -10.75 32.36
C4 GOM H . 24.86 -11.88 31.86
N3 GOM H . 23.87 -11.93 30.95
C2 GOM H . 23.51 -13.20 30.72
N1 GOM H . 23.99 -14.32 31.27
C6 GOM H . 24.98 -14.22 32.19
N6 GOM H . 25.43 -15.34 32.76
C5 GOM H . 25.46 -12.93 32.50
N7 GOM H . 26.46 -12.49 33.37
C8 GOM H . 26.42 -11.18 33.23
C2' GOM H . 24.57 -8.49 33.14
O2' GOM H . 23.17 -8.56 33.20
C3' GOM H . 25.02 -7.12 32.66
O3' GOM H . 23.99 -6.21 32.28
#